data_4O88
#
_entry.id   4O88
#
_cell.length_a   61.879
_cell.length_b   77.455
_cell.length_c   147.920
_cell.angle_alpha   90.00
_cell.angle_beta   90.00
_cell.angle_gamma   90.00
#
_symmetry.space_group_name_H-M   'P 21 21 21'
#
loop_
_entity.id
_entity.type
_entity.pdbx_description
1 polymer 'N-tagged Nuclease'
2 non-polymer 'CHLORIDE ION'
3 non-polymer 'SULFATE ION'
4 water water
#
_entity_poly.entity_id   1
_entity_poly.type   'polypeptide(L)'
_entity_poly.pdbx_seq_one_letter_code
;PTTCLNEGAIGYMAIDILQSQNIETITINDNEYKLNKFNNIKDYISKVWGAASVYNLDLGNDYTKWQSSLDNVETDNIKN
YINGHDNVYYNPGGKNKYLIIEASKELKWKGNLNNNKFNVNLKSIFSNAENLKVGHSDLLKLFSSIVNSKGSDNQKKVLN
SLLDNINDRRLKKLVSTGQWTEAISDSVANEIAKNNKLTSIKAQLGSQKTQNVMIDANGHDLLKIDYDKTFVTANDLKNK
IIDKNKLENAKNYFKIQNNDKILEDIKSKFSKNINENIKGSIRDHAKLIEFTENKKFNTINDNSNSDSKIKSITCKVLEH
HHHHH
;
_entity_poly.pdbx_strand_id   A,B
#
loop_
_chem_comp.id
_chem_comp.type
_chem_comp.name
_chem_comp.formula
CL non-polymer 'CHLORIDE ION' 'Cl -1'
SO4 non-polymer 'SULFATE ION' 'O4 S -2'
#
# COMPACT_ATOMS: atom_id res chain seq x y z
N PRO A 1 8.60 -10.48 22.46
CA PRO A 1 9.15 -11.09 23.67
C PRO A 1 10.48 -10.46 24.09
N THR A 2 11.13 -9.77 23.16
CA THR A 2 12.47 -9.26 23.39
C THR A 2 12.57 -7.73 23.34
N THR A 3 11.50 -7.06 22.95
CA THR A 3 11.52 -5.61 22.91
C THR A 3 10.31 -5.01 23.62
N CYS A 4 9.50 -5.87 24.22
CA CYS A 4 8.22 -5.45 24.78
C CYS A 4 8.36 -4.48 25.95
N LEU A 5 9.31 -4.72 26.84
CA LEU A 5 9.46 -3.84 27.99
C LEU A 5 10.19 -2.56 27.60
N ASN A 6 10.92 -2.61 26.49
CA ASN A 6 11.52 -1.42 25.93
C ASN A 6 10.41 -0.48 25.48
N GLU A 7 9.40 -1.05 24.84
CA GLU A 7 8.21 -0.31 24.43
C GLU A 7 7.36 0.18 25.61
N GLY A 8 7.18 -0.67 26.60
CA GLY A 8 6.38 -0.34 27.77
C GLY A 8 6.94 0.83 28.56
N ALA A 9 8.26 0.87 28.67
CA ALA A 9 8.94 1.93 29.40
C ALA A 9 8.74 3.28 28.74
N ILE A 10 8.73 3.29 27.41
CA ILE A 10 8.52 4.54 26.67
C ILE A 10 7.14 5.07 26.96
N GLY A 11 6.16 4.17 27.01
CA GLY A 11 4.80 4.53 27.32
C GLY A 11 4.61 5.04 28.74
N TYR A 12 5.32 4.44 29.70
CA TYR A 12 5.27 4.92 31.08
C TYR A 12 5.87 6.30 31.23
N MET A 13 6.96 6.56 30.52
CA MET A 13 7.64 7.84 30.65
C MET A 13 6.72 8.97 30.21
N ALA A 14 5.97 8.74 29.15
CA ALA A 14 5.01 9.73 28.66
C ALA A 14 3.91 9.95 29.69
N ILE A 15 3.38 8.85 30.22
CA ILE A 15 2.35 8.94 31.24
C ILE A 15 2.87 9.68 32.45
N ASP A 16 4.11 9.37 32.81
CA ASP A 16 4.75 10.01 33.95
C ASP A 16 4.89 11.52 33.74
N ILE A 17 5.29 11.91 32.54
CA ILE A 17 5.36 13.31 32.17
C ILE A 17 4.00 13.99 32.12
N LEU A 18 3.04 13.37 31.43
CA LEU A 18 1.72 13.95 31.31
C LEU A 18 1.01 14.10 32.65
N GLN A 19 1.07 13.04 33.46
CA GLN A 19 0.45 13.08 34.77
C GLN A 19 1.12 14.10 35.67
N SER A 20 2.43 14.24 35.52
CA SER A 20 3.20 15.19 36.31
C SER A 20 2.75 16.61 36.03
N GLN A 21 2.19 16.82 34.85
CA GLN A 21 1.77 18.15 34.42
C GLN A 21 0.26 18.27 34.38
N ASN A 22 -0.43 17.31 34.99
CA ASN A 22 -1.88 17.34 35.10
C ASN A 22 -2.57 17.43 33.74
N ILE A 23 -2.10 16.63 32.79
CA ILE A 23 -2.68 16.60 31.46
C ILE A 23 -3.50 15.33 31.32
N GLU A 24 -4.76 15.46 30.96
CA GLU A 24 -5.67 14.32 31.00
C GLU A 24 -6.07 13.77 29.65
N THR A 25 -5.95 14.57 28.60
CA THR A 25 -6.33 14.11 27.27
C THR A 25 -5.32 14.42 26.16
N ILE A 26 -5.35 13.58 25.14
CA ILE A 26 -4.55 13.77 23.93
C ILE A 26 -5.48 13.84 22.71
N THR A 27 -5.12 14.66 21.74
CA THR A 27 -5.94 14.79 20.55
C THR A 27 -5.31 14.05 19.38
N ILE A 28 -5.94 12.96 18.96
CA ILE A 28 -5.42 12.18 17.84
C ILE A 28 -6.46 12.14 16.72
N ASN A 29 -6.11 12.73 15.58
CA ASN A 29 -7.04 12.82 14.45
C ASN A 29 -8.33 13.55 14.81
N ASP A 30 -8.20 14.80 15.28
CA ASP A 30 -9.36 15.61 15.66
C ASP A 30 -10.30 14.90 16.65
N ASN A 31 -9.73 13.97 17.41
CA ASN A 31 -10.47 13.26 18.43
C ASN A 31 -9.82 13.44 19.79
N GLU A 32 -10.60 13.31 20.85
CA GLU A 32 -10.03 13.45 22.18
C GLU A 32 -10.09 12.16 22.92
N TYR A 33 -8.97 11.79 23.52
CA TYR A 33 -8.87 10.53 24.22
C TYR A 33 -8.46 10.76 25.65
N LYS A 34 -9.11 10.03 26.55
CA LYS A 34 -8.92 10.25 27.98
C LYS A 34 -7.93 9.26 28.55
N LEU A 35 -6.88 9.81 29.13
CA LEU A 35 -5.83 8.99 29.66
C LEU A 35 -6.31 8.31 30.94
N ASN A 36 -5.92 7.06 31.11
CA ASN A 36 -6.14 6.37 32.36
C ASN A 36 -5.10 6.88 33.32
N LYS A 37 -5.32 6.66 34.61
CA LYS A 37 -4.38 7.15 35.61
C LYS A 37 -3.72 5.98 36.29
N PHE A 38 -2.40 6.08 36.47
CA PHE A 38 -1.62 4.99 37.02
C PHE A 38 -0.89 5.41 38.28
N ASN A 39 -1.01 4.60 39.31
CA ASN A 39 -0.37 4.85 40.58
C ASN A 39 1.14 4.76 40.54
N ASN A 40 1.65 3.73 39.88
CA ASN A 40 3.06 3.45 39.87
C ASN A 40 3.41 2.56 38.70
N ILE A 41 4.65 2.11 38.66
CA ILE A 41 5.11 1.25 37.58
C ILE A 41 4.36 -0.09 37.53
N LYS A 42 4.17 -0.72 38.67
CA LYS A 42 3.49 -2.02 38.72
C LYS A 42 2.04 -1.86 38.29
N ASP A 43 1.44 -0.72 38.63
CA ASP A 43 0.07 -0.44 38.23
C ASP A 43 -0.05 -0.36 36.72
N TYR A 44 0.86 0.37 36.08
CA TYR A 44 0.87 0.52 34.63
C TYR A 44 1.17 -0.78 33.87
N ILE A 45 2.20 -1.50 34.31
CA ILE A 45 2.62 -2.72 33.61
C ILE A 45 1.51 -3.76 33.67
N SER A 46 0.85 -3.83 34.82
CA SER A 46 -0.19 -4.81 35.06
C SER A 46 -1.38 -4.55 34.12
N LYS A 47 -1.54 -3.29 33.74
CA LYS A 47 -2.65 -2.90 32.87
CA LYS A 47 -2.63 -2.84 32.88
C LYS A 47 -2.31 -3.02 31.39
N VAL A 48 -1.10 -2.60 30.99
CA VAL A 48 -0.72 -2.62 29.58
C VAL A 48 0.06 -3.85 29.11
N TRP A 49 0.58 -4.65 30.04
CA TRP A 49 1.38 -5.80 29.63
C TRP A 49 0.62 -7.11 29.82
N GLY A 50 0.59 -7.92 28.77
CA GLY A 50 -0.13 -9.19 28.80
C GLY A 50 0.47 -10.18 29.78
N ALA A 51 1.79 -10.13 29.89
CA ALA A 51 2.56 -11.15 30.61
C ALA A 51 2.96 -10.70 32.00
N ALA A 52 2.37 -9.61 32.48
CA ALA A 52 2.78 -9.03 33.75
C ALA A 52 2.57 -9.98 34.92
N SER A 53 1.44 -10.69 34.91
CA SER A 53 1.08 -11.61 35.97
C SER A 53 2.03 -12.80 36.05
N VAL A 54 2.45 -13.29 34.89
CA VAL A 54 3.35 -14.43 34.81
C VAL A 54 4.73 -14.17 35.38
N TYR A 55 5.37 -13.09 34.94
CA TYR A 55 6.71 -12.76 35.38
C TYR A 55 6.79 -12.18 36.77
N ASN A 56 5.94 -11.20 37.06
CA ASN A 56 5.99 -10.49 38.34
C ASN A 56 7.39 -9.94 38.59
N LEU A 57 7.86 -9.11 37.68
CA LEU A 57 9.17 -8.50 37.83
C LEU A 57 9.07 -7.34 38.78
N ASP A 58 10.22 -6.84 39.20
CA ASP A 58 10.25 -5.61 39.96
C ASP A 58 11.05 -4.65 39.11
N LEU A 59 10.40 -3.57 38.69
CA LEU A 59 11.01 -2.70 37.70
C LEU A 59 11.32 -1.38 38.38
N GLY A 60 12.50 -0.85 38.08
CA GLY A 60 12.96 0.35 38.76
C GLY A 60 12.79 1.53 37.84
N ASN A 61 13.44 2.63 38.16
CA ASN A 61 13.29 3.81 37.32
C ASN A 61 14.45 3.97 36.34
N ASP A 62 15.30 2.95 36.25
CA ASP A 62 16.23 2.83 35.16
C ASP A 62 15.57 1.97 34.10
N TYR A 63 14.86 2.61 33.18
CA TYR A 63 14.02 1.94 32.21
C TYR A 63 14.82 1.13 31.19
N THR A 64 16.08 1.47 31.02
CA THR A 64 16.95 0.74 30.12
C THR A 64 17.23 -0.65 30.68
N LYS A 65 16.93 -0.82 31.96
CA LYS A 65 17.14 -2.09 32.62
C LYS A 65 15.85 -2.91 32.70
N TRP A 66 14.76 -2.39 32.16
CA TRP A 66 13.49 -3.08 32.23
C TRP A 66 13.54 -4.36 31.41
N GLN A 67 14.01 -4.24 30.17
CA GLN A 67 14.16 -5.38 29.28
C GLN A 67 15.20 -6.37 29.80
N SER A 68 16.25 -5.86 30.43
CA SER A 68 17.30 -6.72 30.96
C SER A 68 16.74 -7.68 31.99
N SER A 69 15.72 -7.23 32.71
CA SER A 69 15.09 -8.06 33.73
C SER A 69 14.41 -9.29 33.14
N LEU A 70 13.65 -9.08 32.08
CA LEU A 70 12.99 -10.17 31.38
C LEU A 70 14.01 -11.08 30.72
N ASP A 71 15.09 -10.46 30.26
CA ASP A 71 16.15 -11.17 29.57
C ASP A 71 16.85 -12.19 30.47
N ASN A 72 17.09 -11.82 31.72
CA ASN A 72 17.69 -12.72 32.68
C ASN A 72 16.80 -13.89 33.07
N VAL A 73 15.50 -13.66 33.13
CA VAL A 73 14.56 -14.73 33.41
C VAL A 73 14.55 -15.79 32.31
N GLU A 74 14.46 -15.34 31.07
CA GLU A 74 14.33 -16.25 29.93
C GLU A 74 15.65 -16.68 29.29
N THR A 75 16.70 -15.91 29.53
CA THR A 75 18.07 -16.31 29.21
C THR A 75 18.30 -16.63 27.73
N ASP A 76 18.45 -17.92 27.45
CA ASP A 76 18.80 -18.42 26.13
C ASP A 76 17.69 -18.18 25.14
N ASN A 77 16.45 -18.10 25.64
CA ASN A 77 15.30 -17.87 24.79
C ASN A 77 15.37 -16.55 24.04
N ILE A 78 15.99 -15.55 24.66
CA ILE A 78 16.08 -14.23 24.05
C ILE A 78 16.87 -14.27 22.76
N LYS A 79 18.11 -14.75 22.85
CA LYS A 79 18.99 -14.86 21.70
C LYS A 79 18.46 -15.84 20.68
N ASN A 80 17.93 -16.95 21.15
CA ASN A 80 17.44 -18.00 20.28
C ASN A 80 16.23 -17.54 19.46
N TYR A 81 15.36 -16.77 20.09
CA TYR A 81 14.20 -16.21 19.42
C TYR A 81 14.57 -15.19 18.35
N ILE A 82 15.48 -14.29 18.68
CA ILE A 82 15.86 -13.22 17.75
C ILE A 82 16.48 -13.84 16.51
N ASN A 83 17.18 -14.94 16.68
CA ASN A 83 17.90 -15.58 15.60
C ASN A 83 17.06 -16.70 14.99
N GLY A 84 15.89 -16.95 15.58
CA GLY A 84 15.03 -18.03 15.13
C GLY A 84 14.26 -17.73 13.88
N HIS A 85 13.85 -18.80 13.19
CA HIS A 85 13.09 -18.67 11.95
C HIS A 85 12.17 -19.88 11.84
N ASP A 86 11.24 -19.81 10.90
CA ASP A 86 10.23 -20.85 10.78
C ASP A 86 10.67 -21.93 9.80
N ASN A 87 9.78 -22.87 9.51
CA ASN A 87 10.08 -23.91 8.53
C ASN A 87 10.04 -23.33 7.13
N VAL A 88 11.01 -23.69 6.30
CA VAL A 88 11.03 -23.16 4.95
C VAL A 88 10.70 -24.26 3.95
N TYR A 89 9.69 -24.02 3.14
CA TYR A 89 9.22 -25.02 2.19
C TYR A 89 9.46 -24.51 0.79
N TYR A 90 9.92 -25.39 -0.07
CA TYR A 90 10.18 -25.02 -1.45
C TYR A 90 9.44 -25.95 -2.39
N ASN A 91 8.75 -25.37 -3.36
CA ASN A 91 8.12 -26.13 -4.43
C ASN A 91 8.95 -26.02 -5.69
N PRO A 92 9.80 -27.02 -5.93
CA PRO A 92 10.80 -27.07 -7.00
C PRO A 92 10.21 -27.10 -8.40
N GLY A 93 9.20 -27.92 -8.62
CA GLY A 93 8.61 -28.03 -9.93
C GLY A 93 7.12 -27.74 -10.01
N GLY A 94 6.32 -28.68 -9.55
CA GLY A 94 4.89 -28.45 -9.57
C GLY A 94 4.10 -28.79 -8.33
N LYS A 95 3.88 -30.08 -8.08
CA LYS A 95 2.85 -30.45 -7.12
C LYS A 95 3.32 -30.76 -5.71
N ASN A 96 4.60 -30.99 -5.48
CA ASN A 96 5.05 -31.26 -4.12
C ASN A 96 5.91 -30.17 -3.50
N LYS A 97 5.86 -30.09 -2.18
CA LYS A 97 6.48 -29.02 -1.41
C LYS A 97 7.44 -29.65 -0.42
N TYR A 98 8.66 -29.13 -0.31
CA TYR A 98 9.68 -29.82 0.45
C TYR A 98 10.27 -28.95 1.55
N LEU A 99 10.65 -29.57 2.67
CA LEU A 99 11.30 -28.82 3.74
C LEU A 99 12.78 -28.71 3.45
N ILE A 100 13.20 -27.53 3.02
CA ILE A 100 14.59 -27.29 2.65
C ILE A 100 15.39 -26.66 3.78
N ILE A 101 14.72 -25.88 4.62
CA ILE A 101 15.31 -25.40 5.86
C ILE A 101 14.38 -25.68 7.04
N GLU A 102 14.88 -26.39 8.04
CA GLU A 102 14.10 -26.68 9.23
C GLU A 102 14.07 -25.50 10.18
N ALA A 103 12.95 -25.36 10.87
CA ALA A 103 12.76 -24.26 11.81
C ALA A 103 13.69 -24.42 12.99
N SER A 104 13.91 -23.34 13.71
CA SER A 104 14.75 -23.35 14.89
C SER A 104 14.04 -24.15 15.98
N LYS A 105 14.78 -24.50 17.02
CA LYS A 105 14.24 -25.35 18.08
C LYS A 105 13.08 -24.64 18.75
N GLU A 106 12.12 -25.42 19.27
CA GLU A 106 10.98 -24.81 19.93
C GLU A 106 11.39 -24.16 21.23
N LEU A 107 10.90 -22.95 21.46
CA LEU A 107 11.23 -22.25 22.68
C LEU A 107 10.04 -22.36 23.61
N LYS A 108 10.30 -22.59 24.89
CA LYS A 108 9.23 -22.60 25.87
C LYS A 108 9.47 -21.43 26.81
N TRP A 109 8.51 -20.50 26.85
CA TRP A 109 8.65 -19.34 27.70
C TRP A 109 8.07 -19.64 29.07
N LYS A 110 8.22 -18.73 30.00
CA LYS A 110 7.71 -18.97 31.34
C LYS A 110 6.19 -18.97 31.28
N GLY A 111 5.59 -19.99 31.89
CA GLY A 111 4.15 -20.15 31.87
C GLY A 111 3.71 -20.75 30.55
N ASN A 112 4.69 -21.09 29.72
CA ASN A 112 4.47 -21.58 28.37
C ASN A 112 3.61 -20.55 27.65
N LEU A 113 4.03 -19.30 27.75
CA LEU A 113 3.27 -18.18 27.21
C LEU A 113 3.32 -18.16 25.70
N ASN A 114 2.47 -17.31 25.12
CA ASN A 114 2.34 -17.25 23.69
C ASN A 114 2.82 -15.86 23.32
N ASN A 115 3.31 -15.72 22.10
CA ASN A 115 4.01 -14.51 21.71
C ASN A 115 3.11 -13.27 21.76
N ASN A 116 1.81 -13.49 21.63
CA ASN A 116 0.83 -12.41 21.74
C ASN A 116 0.77 -11.83 23.16
N LYS A 117 0.99 -12.68 24.15
CA LYS A 117 0.87 -12.25 25.56
C LYS A 117 1.98 -11.29 25.95
N PHE A 118 3.07 -11.28 25.19
CA PHE A 118 4.19 -10.41 25.49
C PHE A 118 3.92 -9.01 25.00
N ASN A 119 2.82 -8.83 24.29
CA ASN A 119 2.48 -7.53 23.72
C ASN A 119 2.17 -6.47 24.76
N VAL A 120 2.51 -5.23 24.42
CA VAL A 120 2.18 -4.12 25.27
C VAL A 120 1.02 -3.44 24.57
N ASN A 121 -0.13 -3.41 25.25
CA ASN A 121 -1.36 -2.88 24.69
CA ASN A 121 -1.35 -2.88 24.67
C ASN A 121 -1.48 -1.39 24.99
N LEU A 122 -0.94 -0.58 24.08
CA LEU A 122 -0.78 0.85 24.28
C LEU A 122 -2.10 1.62 24.25
N LYS A 123 -3.19 0.94 23.87
CA LYS A 123 -4.49 1.57 23.91
C LYS A 123 -5.10 1.51 25.31
N SER A 124 -4.52 0.68 26.17
CA SER A 124 -5.07 0.51 27.50
C SER A 124 -4.65 1.67 28.37
N ILE A 125 -3.81 2.54 27.80
CA ILE A 125 -3.45 3.80 28.41
C ILE A 125 -4.66 4.75 28.32
N PHE A 126 -5.54 4.53 27.34
CA PHE A 126 -6.77 5.33 27.23
C PHE A 126 -8.01 4.55 27.64
N SER A 127 -8.91 5.23 28.35
CA SER A 127 -10.22 4.69 28.72
C SER A 127 -11.19 4.52 27.56
N ASN A 128 -11.14 5.43 26.59
CA ASN A 128 -12.09 5.42 25.47
C ASN A 128 -11.45 4.95 24.16
N ALA A 129 -10.57 3.96 24.28
CA ALA A 129 -9.75 3.49 23.18
C ALA A 129 -10.51 2.82 22.02
N GLU A 130 -11.73 2.34 22.28
CA GLU A 130 -12.39 1.45 21.32
C GLU A 130 -12.67 2.05 19.93
N ASN A 131 -12.79 3.37 19.84
CA ASN A 131 -13.00 4.01 18.53
C ASN A 131 -11.68 4.38 17.87
N LEU A 132 -10.58 4.03 18.52
CA LEU A 132 -9.28 4.41 18.02
C LEU A 132 -8.84 3.41 16.97
N LYS A 133 -8.32 3.91 15.86
CA LYS A 133 -7.92 3.09 14.73
C LYS A 133 -6.45 3.29 14.38
N VAL A 134 -5.61 3.35 15.41
CA VAL A 134 -4.19 3.59 15.20
C VAL A 134 -3.36 2.38 15.64
N GLY A 135 -2.37 2.03 14.82
CA GLY A 135 -1.54 0.87 15.07
C GLY A 135 -0.52 1.05 16.17
N HIS A 136 0.06 -0.07 16.59
CA HIS A 136 0.93 -0.11 17.74
C HIS A 136 2.13 0.80 17.55
N SER A 137 2.72 0.74 16.35
CA SER A 137 3.91 1.51 16.04
C SER A 137 3.65 3.01 16.06
N ASP A 138 2.52 3.42 15.50
CA ASP A 138 2.16 4.83 15.47
C ASP A 138 1.89 5.36 16.88
N LEU A 139 1.29 4.53 17.72
CA LEU A 139 1.11 4.87 19.13
C LEU A 139 2.42 5.00 19.88
N LEU A 140 3.36 4.10 19.62
CA LEU A 140 4.66 4.16 20.26
C LEU A 140 5.37 5.44 19.87
N LYS A 141 5.21 5.83 18.60
CA LYS A 141 5.75 7.06 18.07
C LYS A 141 5.13 8.27 18.76
N LEU A 142 3.85 8.18 19.05
CA LEU A 142 3.14 9.24 19.74
C LEU A 142 3.67 9.46 21.16
N PHE A 143 3.77 8.38 21.91
CA PHE A 143 4.29 8.46 23.25
C PHE A 143 5.76 8.85 23.26
N SER A 144 6.52 8.36 22.28
CA SER A 144 7.92 8.71 22.16
C SER A 144 8.07 10.20 21.89
N SER A 145 7.17 10.72 21.07
CA SER A 145 7.18 12.12 20.70
C SER A 145 6.91 12.99 21.91
N ILE A 146 6.01 12.53 22.76
CA ILE A 146 5.70 13.23 24.00
C ILE A 146 6.91 13.26 24.92
N VAL A 147 7.63 12.13 25.02
CA VAL A 147 8.85 12.08 25.83
C VAL A 147 9.93 13.00 25.27
N ASN A 148 10.06 13.06 23.95
CA ASN A 148 10.98 14.00 23.34
C ASN A 148 10.60 15.47 23.53
N SER A 149 9.34 15.78 23.28
CA SER A 149 8.84 17.15 23.41
C SER A 149 8.84 17.68 24.85
N LYS A 150 8.31 16.92 25.80
CA LYS A 150 8.18 17.41 27.17
C LYS A 150 9.15 16.79 28.17
N GLY A 151 9.85 15.74 27.76
CA GLY A 151 10.76 15.06 28.67
C GLY A 151 11.99 15.87 29.00
N SER A 152 12.60 15.56 30.13
CA SER A 152 13.84 16.19 30.54
C SER A 152 14.99 15.61 29.74
N ASP A 153 16.19 16.14 29.92
CA ASP A 153 17.32 15.67 29.11
C ASP A 153 17.65 14.24 29.48
N ASN A 154 17.60 13.93 30.76
CA ASN A 154 17.87 12.57 31.21
C ASN A 154 16.88 11.60 30.59
N GLN A 155 15.62 12.00 30.56
CA GLN A 155 14.56 11.18 29.98
C GLN A 155 14.75 10.98 28.48
N LYS A 156 15.14 12.05 27.78
CA LYS A 156 15.41 11.98 26.35
C LYS A 156 16.59 11.07 26.02
N LYS A 157 17.59 11.05 26.89
CA LYS A 157 18.73 10.16 26.72
C LYS A 157 18.32 8.71 26.86
N VAL A 158 17.43 8.43 27.81
CA VAL A 158 16.89 7.09 27.98
C VAL A 158 16.04 6.64 26.80
N LEU A 159 15.23 7.57 26.29
CA LEU A 159 14.35 7.27 25.16
C LEU A 159 15.15 6.88 23.94
N ASN A 160 16.25 7.58 23.73
CA ASN A 160 17.12 7.31 22.59
C ASN A 160 17.69 5.90 22.69
N SER A 161 18.10 5.54 23.89
CA SER A 161 18.61 4.20 24.18
C SER A 161 17.54 3.11 24.03
N LEU A 162 16.34 3.41 24.49
CA LEU A 162 15.23 2.47 24.38
C LEU A 162 14.83 2.23 22.93
N LEU A 163 14.78 3.31 22.17
CA LEU A 163 14.42 3.22 20.76
C LEU A 163 15.46 2.39 20.04
N ASP A 164 16.71 2.60 20.42
CA ASP A 164 17.85 1.90 19.83
C ASP A 164 17.78 0.40 20.09
N ASN A 165 17.32 0.06 21.29
CA ASN A 165 17.15 -1.33 21.70
C ASN A 165 16.07 -2.01 20.85
N ILE A 166 14.96 -1.31 20.64
CA ILE A 166 13.87 -1.85 19.84
C ILE A 166 14.32 -2.07 18.40
N ASN A 167 15.07 -1.12 17.86
CA ASN A 167 15.49 -1.21 16.47
C ASN A 167 16.36 -2.43 16.19
N ASP A 168 17.32 -2.65 17.06
CA ASP A 168 18.33 -3.67 16.86
C ASP A 168 17.74 -5.07 16.80
N ARG A 169 16.96 -5.42 17.81
CA ARG A 169 16.31 -6.73 17.90
C ARG A 169 15.20 -6.93 16.86
N ARG A 170 14.39 -5.90 16.63
CA ARG A 170 13.30 -6.04 15.66
C ARG A 170 13.85 -6.27 14.27
N LEU A 171 14.88 -5.50 13.91
CA LEU A 171 15.52 -5.66 12.62
C LEU A 171 16.21 -7.03 12.51
N LYS A 172 16.91 -7.44 13.56
CA LYS A 172 17.62 -8.71 13.50
C LYS A 172 16.64 -9.84 13.35
N LYS A 173 15.52 -9.75 14.06
CA LYS A 173 14.49 -10.76 13.93
C LYS A 173 13.89 -10.75 12.53
N LEU A 174 13.72 -9.57 11.96
CA LEU A 174 13.19 -9.46 10.61
C LEU A 174 14.16 -10.06 9.59
N VAL A 175 15.45 -9.81 9.79
CA VAL A 175 16.47 -10.44 8.97
C VAL A 175 16.54 -11.95 9.20
N SER A 176 16.46 -12.37 10.46
CA SER A 176 16.64 -13.77 10.81
C SER A 176 15.54 -14.70 10.30
N THR A 177 14.34 -14.16 10.11
CA THR A 177 13.23 -14.99 9.65
C THR A 177 13.16 -15.05 8.13
N GLY A 178 13.96 -14.21 7.47
CA GLY A 178 13.96 -14.18 6.03
C GLY A 178 12.87 -13.30 5.46
N GLN A 179 12.18 -12.56 6.32
CA GLN A 179 11.02 -11.79 5.90
C GLN A 179 11.34 -10.37 5.46
N TRP A 180 12.60 -9.98 5.59
CA TRP A 180 13.05 -8.64 5.24
C TRP A 180 12.81 -8.36 3.76
N THR A 181 12.85 -9.41 2.94
CA THR A 181 12.70 -9.27 1.49
C THR A 181 11.34 -8.68 1.14
N GLU A 182 10.31 -9.14 1.84
CA GLU A 182 8.95 -8.67 1.61
C GLU A 182 8.68 -7.28 2.15
N ALA A 183 9.61 -6.75 2.95
CA ALA A 183 9.36 -5.48 3.60
C ALA A 183 10.12 -4.33 2.93
N ILE A 184 10.94 -4.66 1.93
CA ILE A 184 11.63 -3.63 1.16
C ILE A 184 11.42 -3.81 -0.33
N SER A 185 11.99 -2.89 -1.11
CA SER A 185 11.75 -2.86 -2.54
C SER A 185 12.61 -3.92 -3.21
N ASP A 186 12.11 -4.43 -4.34
CA ASP A 186 12.69 -5.60 -5.00
C ASP A 186 14.12 -5.37 -5.43
N SER A 187 14.38 -4.19 -5.98
CA SER A 187 15.70 -3.82 -6.48
C SER A 187 16.72 -3.82 -5.36
N VAL A 188 16.37 -3.19 -4.24
CA VAL A 188 17.27 -3.16 -3.09
C VAL A 188 17.41 -4.57 -2.54
N ALA A 189 16.32 -5.33 -2.54
CA ALA A 189 16.36 -6.72 -2.08
C ALA A 189 17.30 -7.52 -2.97
N ASN A 190 17.20 -7.31 -4.27
CA ASN A 190 18.07 -7.98 -5.23
C ASN A 190 19.50 -7.53 -5.06
N GLU A 191 19.67 -6.26 -4.69
CA GLU A 191 20.99 -5.68 -4.49
C GLU A 191 21.74 -6.35 -3.34
N ILE A 192 21.08 -6.45 -2.20
CA ILE A 192 21.67 -7.01 -1.00
C ILE A 192 21.99 -8.49 -1.19
N ALA A 193 21.11 -9.19 -1.91
CA ALA A 193 21.30 -10.59 -2.20
C ALA A 193 22.53 -10.82 -3.06
N LYS A 194 22.69 -9.96 -4.05
CA LYS A 194 23.82 -10.00 -4.95
C LYS A 194 25.12 -9.77 -4.18
N ASN A 195 25.13 -8.74 -3.35
CA ASN A 195 26.29 -8.40 -2.53
C ASN A 195 26.59 -9.47 -1.49
N ASN A 196 25.54 -10.15 -1.01
CA ASN A 196 25.71 -11.15 0.04
C ASN A 196 25.61 -12.61 -0.42
N LYS A 197 25.67 -12.81 -1.73
CA LYS A 197 25.73 -14.15 -2.32
C LYS A 197 24.49 -14.97 -2.01
N LEU A 198 23.31 -14.35 -2.10
CA LEU A 198 22.08 -15.06 -1.82
C LEU A 198 21.35 -15.48 -3.09
N THR A 199 20.48 -16.47 -2.94
CA THR A 199 19.70 -17.00 -4.05
C THR A 199 18.24 -16.72 -3.77
N SER A 200 17.54 -16.22 -4.79
CA SER A 200 16.15 -15.85 -4.61
C SER A 200 15.23 -16.95 -5.10
N ILE A 201 14.36 -17.41 -4.22
CA ILE A 201 13.45 -18.49 -4.55
C ILE A 201 12.08 -18.09 -4.07
N LYS A 202 11.08 -18.85 -4.50
CA LYS A 202 9.73 -18.60 -4.07
C LYS A 202 9.49 -19.69 -3.06
N ALA A 203 9.16 -19.29 -1.85
CA ALA A 203 9.13 -20.22 -0.74
C ALA A 203 8.03 -19.88 0.23
N GLN A 204 7.75 -20.81 1.12
CA GLN A 204 6.71 -20.61 2.11
C GLN A 204 7.30 -20.74 3.51
N LEU A 205 7.02 -19.77 4.36
CA LEU A 205 7.56 -19.74 5.71
C LEU A 205 6.48 -20.14 6.69
N GLY A 206 6.67 -21.29 7.32
CA GLY A 206 5.66 -21.86 8.20
C GLY A 206 4.37 -22.13 7.46
N SER A 207 3.26 -21.66 8.02
CA SER A 207 1.94 -21.87 7.45
C SER A 207 1.49 -20.68 6.60
N GLN A 208 2.40 -19.74 6.41
CA GLN A 208 2.08 -18.51 5.71
C GLN A 208 1.86 -18.78 4.25
N LYS A 209 1.28 -17.82 3.57
CA LYS A 209 1.06 -17.92 2.14
C LYS A 209 2.44 -17.73 1.44
N THR A 210 2.58 -18.16 0.19
CA THR A 210 3.88 -18.08 -0.49
C THR A 210 4.37 -16.65 -0.70
N GLN A 211 5.68 -16.47 -0.67
CA GLN A 211 6.29 -15.15 -0.76
C GLN A 211 7.70 -15.28 -1.31
N ASN A 212 8.40 -14.15 -1.40
CA ASN A 212 9.75 -14.17 -1.92
C ASN A 212 10.76 -14.32 -0.78
N VAL A 213 11.62 -15.32 -0.89
CA VAL A 213 12.58 -15.59 0.17
C VAL A 213 13.97 -15.72 -0.41
N MET A 214 14.96 -15.24 0.33
CA MET A 214 16.34 -15.39 -0.13
C MET A 214 17.16 -16.14 0.87
N ILE A 215 17.79 -17.20 0.36
CA ILE A 215 18.50 -18.15 1.17
C ILE A 215 19.96 -18.18 0.75
N ASP A 216 20.81 -18.69 1.64
CA ASP A 216 22.19 -18.92 1.26
C ASP A 216 22.23 -20.36 0.80
N ALA A 217 22.59 -20.57 -0.45
CA ALA A 217 22.52 -21.90 -1.05
C ALA A 217 23.80 -22.64 -0.75
N ASN A 218 24.73 -21.98 -0.06
CA ASN A 218 25.96 -22.62 0.40
C ASN A 218 26.75 -23.27 -0.72
N GLY A 219 26.84 -22.58 -1.85
CA GLY A 219 27.51 -23.12 -3.02
C GLY A 219 26.86 -24.42 -3.46
N HIS A 220 25.56 -24.36 -3.71
CA HIS A 220 24.80 -25.52 -4.16
C HIS A 220 24.03 -25.12 -5.40
N ASP A 221 23.74 -26.08 -6.25
CA ASP A 221 22.96 -25.80 -7.44
C ASP A 221 21.58 -26.33 -7.14
N LEU A 222 20.62 -25.42 -7.05
CA LEU A 222 19.25 -25.79 -6.68
C LEU A 222 18.58 -26.51 -7.85
N LEU A 223 19.13 -26.30 -9.04
CA LEU A 223 18.71 -27.05 -10.23
C LEU A 223 19.15 -28.51 -10.17
N LYS A 224 20.32 -28.77 -9.58
CA LYS A 224 20.91 -30.10 -9.62
C LYS A 224 20.46 -31.01 -8.47
N ILE A 225 19.71 -30.47 -7.51
CA ILE A 225 19.30 -31.27 -6.37
C ILE A 225 18.09 -32.13 -6.70
N ASP A 226 18.04 -33.32 -6.11
CA ASP A 226 16.84 -34.14 -6.15
C ASP A 226 16.16 -33.98 -4.81
N TYR A 227 15.12 -33.16 -4.79
CA TYR A 227 14.44 -32.81 -3.56
C TYR A 227 13.69 -34.00 -2.98
N ASP A 228 13.21 -34.88 -3.86
CA ASP A 228 12.49 -36.06 -3.40
C ASP A 228 13.36 -36.98 -2.57
N LYS A 229 14.57 -37.23 -3.05
CA LYS A 229 15.55 -38.03 -2.30
C LYS A 229 16.10 -37.29 -1.08
N THR A 230 16.47 -36.03 -1.25
CA THR A 230 17.07 -35.23 -0.19
C THR A 230 16.17 -34.83 0.97
N PHE A 231 14.94 -34.38 0.69
CA PHE A 231 14.16 -33.68 1.71
C PHE A 231 12.80 -34.30 2.00
N VAL A 232 12.22 -33.89 3.13
CA VAL A 232 10.92 -34.39 3.57
C VAL A 232 9.91 -33.49 2.85
N THR A 233 8.62 -33.80 2.94
CA THR A 233 7.64 -33.08 2.16
C THR A 233 6.67 -32.50 3.17
N ALA A 234 6.03 -31.40 2.82
CA ALA A 234 5.28 -30.63 3.79
C ALA A 234 4.16 -31.50 4.34
N ASN A 235 3.56 -32.28 3.46
CA ASN A 235 2.52 -33.22 3.84
C ASN A 235 3.08 -34.33 4.73
N ASP A 236 4.28 -34.80 4.39
CA ASP A 236 4.93 -35.83 5.19
C ASP A 236 5.32 -35.32 6.57
N LEU A 237 5.89 -34.11 6.59
CA LEU A 237 6.32 -33.51 7.84
C LEU A 237 5.13 -33.27 8.77
N LYS A 238 4.03 -32.85 8.15
CA LYS A 238 2.80 -32.59 8.88
C LYS A 238 2.24 -33.86 9.52
N ASN A 239 2.24 -34.94 8.75
CA ASN A 239 1.69 -36.23 9.17
C ASN A 239 2.64 -37.07 10.01
N LYS A 240 3.87 -36.56 10.16
CA LYS A 240 4.93 -37.18 10.97
C LYS A 240 5.54 -38.46 10.36
N ILE A 241 5.45 -38.62 9.05
CA ILE A 241 6.25 -39.65 8.42
C ILE A 241 7.54 -38.92 8.11
N ILE A 242 8.61 -39.31 8.80
CA ILE A 242 9.86 -38.59 8.68
C ILE A 242 11.03 -39.54 8.51
N ASP A 243 11.86 -39.20 7.54
CA ASP A 243 13.08 -39.91 7.24
C ASP A 243 14.17 -39.19 8.02
N LYS A 244 14.90 -39.93 8.87
CA LYS A 244 15.87 -39.28 9.73
C LYS A 244 16.94 -38.53 8.94
N ASN A 245 17.43 -39.13 7.87
CA ASN A 245 18.43 -38.49 7.01
C ASN A 245 17.87 -37.28 6.26
N LYS A 246 16.61 -37.37 5.82
CA LYS A 246 15.99 -36.26 5.09
C LYS A 246 15.73 -35.05 5.99
N LEU A 247 15.26 -35.29 7.20
CA LEU A 247 15.09 -34.20 8.14
C LEU A 247 16.44 -33.60 8.49
N GLU A 248 17.46 -34.46 8.57
CA GLU A 248 18.80 -33.97 8.87
C GLU A 248 19.30 -33.09 7.74
N ASN A 249 18.89 -33.41 6.52
CA ASN A 249 19.36 -32.68 5.36
C ASN A 249 18.90 -31.23 5.41
N ALA A 250 17.69 -31.03 5.92
CA ALA A 250 17.09 -29.71 6.04
C ALA A 250 17.87 -28.81 7.01
N LYS A 251 18.61 -29.46 7.91
CA LYS A 251 19.54 -28.77 8.80
C LYS A 251 20.79 -28.23 8.10
N ASN A 252 21.31 -28.98 7.12
CA ASN A 252 22.67 -28.74 6.64
C ASN A 252 22.86 -28.16 5.24
N TYR A 253 21.87 -28.27 4.36
CA TYR A 253 22.05 -27.77 2.99
C TYR A 253 22.10 -26.26 2.87
N PHE A 254 21.09 -25.57 3.38
CA PHE A 254 21.03 -24.13 3.24
C PHE A 254 20.84 -23.46 4.57
N LYS A 255 20.99 -22.14 4.59
CA LYS A 255 20.79 -21.39 5.81
C LYS A 255 20.09 -20.08 5.46
N ILE A 256 19.54 -19.41 6.47
CA ILE A 256 19.00 -18.08 6.27
C ILE A 256 20.09 -17.16 6.77
N GLN A 257 20.46 -16.18 5.97
CA GLN A 257 21.63 -15.39 6.31
C GLN A 257 21.28 -14.22 7.21
N ASN A 258 21.81 -14.28 8.43
CA ASN A 258 21.60 -13.22 9.40
C ASN A 258 22.87 -12.76 10.10
N ASN A 259 24.03 -12.96 9.47
CA ASN A 259 25.27 -12.52 10.09
C ASN A 259 25.38 -11.00 9.98
N ASP A 260 26.44 -10.44 10.57
CA ASP A 260 26.55 -8.99 10.67
C ASP A 260 26.67 -8.29 9.33
N LYS A 261 27.28 -8.94 8.34
CA LYS A 261 27.50 -8.30 7.05
C LYS A 261 26.23 -7.90 6.38
N ILE A 262 25.33 -8.85 6.29
CA ILE A 262 24.03 -8.62 5.69
C ILE A 262 23.22 -7.70 6.57
N LEU A 263 23.36 -7.87 7.87
CA LEU A 263 22.59 -7.13 8.85
C LEU A 263 22.85 -5.64 8.74
N GLU A 264 24.13 -5.30 8.62
CA GLU A 264 24.59 -3.94 8.38
C GLU A 264 24.14 -3.44 7.03
N ASP A 265 24.18 -4.32 6.03
CA ASP A 265 23.79 -3.98 4.68
C ASP A 265 22.33 -3.57 4.63
N ILE A 266 21.48 -4.39 5.25
CA ILE A 266 20.05 -4.11 5.30
C ILE A 266 19.76 -2.88 6.15
N LYS A 267 20.46 -2.75 7.26
CA LYS A 267 20.20 -1.66 8.18
C LYS A 267 20.39 -0.30 7.54
N SER A 268 21.41 -0.20 6.69
CA SER A 268 21.70 1.03 5.96
C SER A 268 20.60 1.41 4.95
N LYS A 269 20.04 0.41 4.28
CA LYS A 269 19.08 0.65 3.22
C LYS A 269 17.62 0.39 3.56
N PHE A 270 17.35 -0.24 4.71
CA PHE A 270 15.98 -0.63 5.05
C PHE A 270 15.00 0.54 5.21
N SER A 271 15.41 1.52 6.00
CA SER A 271 14.50 2.57 6.45
C SER A 271 13.95 3.41 5.30
N LYS A 272 14.83 3.79 4.39
CA LYS A 272 14.44 4.57 3.21
C LYS A 272 13.53 3.78 2.26
N ASN A 273 13.79 2.48 2.17
CA ASN A 273 13.32 1.67 1.05
C ASN A 273 12.19 0.71 1.36
N ILE A 274 11.32 1.05 2.32
CA ILE A 274 10.24 0.15 2.68
C ILE A 274 9.33 -0.10 1.48
N ASN A 275 8.78 -1.31 1.39
CA ASN A 275 8.02 -1.72 0.23
C ASN A 275 6.75 -0.91 0.13
N GLU A 276 6.44 -0.51 -1.10
CA GLU A 276 5.21 0.22 -1.39
C GLU A 276 4.03 -0.70 -1.10
N ASN A 277 4.17 -1.95 -1.52
CA ASN A 277 3.11 -2.92 -1.33
C ASN A 277 3.44 -3.82 -0.15
N ILE A 278 2.93 -3.45 1.03
CA ILE A 278 3.22 -4.21 2.25
C ILE A 278 1.99 -4.14 3.15
N LYS A 279 1.70 -5.24 3.84
CA LYS A 279 0.67 -5.27 4.88
C LYS A 279 0.77 -6.58 5.67
N GLY A 280 0.15 -6.62 6.83
CA GLY A 280 0.12 -7.81 7.66
C GLY A 280 0.80 -7.51 8.97
N SER A 281 1.15 -8.56 9.69
CA SER A 281 1.91 -8.44 10.92
C SER A 281 3.26 -7.82 10.58
N ILE A 282 3.75 -8.16 9.40
CA ILE A 282 5.06 -7.71 8.93
C ILE A 282 5.13 -6.19 8.74
N ARG A 283 4.03 -5.57 8.31
CA ARG A 283 4.09 -4.12 8.06
C ARG A 283 4.28 -3.29 9.32
N ASP A 284 3.63 -3.69 10.41
CA ASP A 284 3.76 -2.98 11.68
C ASP A 284 5.21 -3.11 12.17
N HIS A 285 5.80 -4.26 11.88
CA HIS A 285 7.17 -4.57 12.26
C HIS A 285 8.09 -3.61 11.52
N ALA A 286 7.78 -3.38 10.25
CA ALA A 286 8.52 -2.46 9.39
C ALA A 286 8.40 -0.98 9.78
N LYS A 287 7.22 -0.57 10.23
CA LYS A 287 7.00 0.82 10.63
C LYS A 287 7.84 1.10 11.85
N LEU A 288 7.86 0.12 12.74
CA LEU A 288 8.58 0.22 14.01
C LEU A 288 10.07 0.39 13.78
N ILE A 289 10.63 -0.43 12.88
CA ILE A 289 12.05 -0.39 12.58
C ILE A 289 12.39 0.96 11.95
N GLU A 290 11.51 1.41 11.07
CA GLU A 290 11.70 2.67 10.36
C GLU A 290 11.73 3.86 11.31
N PHE A 291 10.77 3.91 12.22
CA PHE A 291 10.71 4.99 13.19
C PHE A 291 11.87 4.98 14.17
N THR A 292 12.17 3.82 14.73
CA THR A 292 13.24 3.72 15.72
C THR A 292 14.60 4.03 15.11
N GLU A 293 14.78 3.69 13.83
CA GLU A 293 16.00 4.02 13.13
C GLU A 293 16.10 5.51 12.83
N ASN A 294 15.11 6.04 12.10
CA ASN A 294 15.10 7.45 11.75
C ASN A 294 14.86 8.44 12.90
N LYS A 295 13.94 8.09 13.80
CA LYS A 295 13.66 8.87 15.00
C LYS A 295 13.11 10.24 14.68
N LYS A 296 12.18 10.29 13.75
CA LYS A 296 11.50 11.54 13.44
C LYS A 296 10.18 11.63 14.17
N PHE A 297 10.20 12.36 15.27
CA PHE A 297 9.04 12.45 16.15
C PHE A 297 7.98 13.38 15.58
N ASN A 298 6.75 13.17 16.02
CA ASN A 298 5.63 14.04 15.69
C ASN A 298 5.75 15.33 16.47
N THR A 299 4.88 16.29 16.15
CA THR A 299 4.91 17.56 16.83
C THR A 299 3.89 17.53 17.93
N ILE A 300 4.26 18.04 19.10
CA ILE A 300 3.34 18.05 20.21
C ILE A 300 3.06 19.50 20.54
N ASN A 301 1.79 19.87 20.50
CA ASN A 301 1.39 21.23 20.81
C ASN A 301 0.47 21.26 22.00
N ASP A 302 0.61 22.27 22.85
CA ASP A 302 -0.39 22.45 23.88
C ASP A 302 -1.34 23.46 23.29
N ASN A 303 -2.61 23.08 23.11
CA ASN A 303 -3.56 24.00 22.52
C ASN A 303 -4.02 24.98 23.57
N SER A 304 -4.35 24.44 24.74
CA SER A 304 -5.03 25.17 25.80
C SER A 304 -4.01 25.65 26.81
N ASN A 305 -2.79 25.17 26.62
CA ASN A 305 -1.59 25.67 27.29
C ASN A 305 -1.61 25.36 28.78
N SER A 306 -0.91 26.18 29.57
CA SER A 306 -0.68 25.86 30.98
C SER A 306 -1.93 26.01 31.84
N ASP A 307 -2.84 26.89 31.44
CA ASP A 307 -4.03 27.16 32.23
C ASP A 307 -5.31 26.82 31.49
N SER A 308 -6.02 25.80 31.98
CA SER A 308 -7.33 25.43 31.45
C SER A 308 -8.03 24.45 32.38
N LYS A 309 -9.34 24.32 32.21
CA LYS A 309 -10.15 23.52 33.11
C LYS A 309 -9.78 22.05 32.92
N ILE A 310 -9.61 21.68 31.65
CA ILE A 310 -8.92 20.45 31.29
C ILE A 310 -7.65 20.68 30.46
N LYS A 311 -6.55 20.10 30.91
CA LYS A 311 -5.30 20.22 30.15
C LYS A 311 -5.25 19.16 29.05
N SER A 312 -4.68 19.55 27.92
CA SER A 312 -4.72 18.73 26.72
C SER A 312 -3.57 19.06 25.79
N ILE A 313 -3.34 18.17 24.83
CA ILE A 313 -2.29 18.32 23.83
C ILE A 313 -2.81 17.65 22.58
N THR A 314 -2.27 18.03 21.43
CA THR A 314 -2.78 17.50 20.16
C THR A 314 -1.66 16.87 19.37
N CYS A 315 -2.03 15.97 18.47
CA CYS A 315 -1.02 15.32 17.64
C CYS A 315 -1.49 14.96 16.24
N LYS A 316 -0.52 14.43 15.50
CA LYS A 316 -0.55 14.03 14.08
C LYS A 316 0.17 15.10 13.27
N PRO B 1 -13.95 5.57 -21.67
CA PRO B 1 -14.71 5.93 -22.87
C PRO B 1 -14.02 7.01 -23.69
N THR B 2 -13.10 7.73 -23.06
CA THR B 2 -12.48 8.90 -23.66
C THR B 2 -10.97 8.75 -23.88
N THR B 3 -10.41 7.65 -23.38
CA THR B 3 -8.99 7.41 -23.54
C THR B 3 -8.70 6.02 -24.10
N CYS B 4 -9.76 5.28 -24.40
CA CYS B 4 -9.63 3.88 -24.78
C CYS B 4 -8.91 3.63 -26.10
N LEU B 5 -9.19 4.44 -27.11
CA LEU B 5 -8.53 4.26 -28.40
C LEU B 5 -7.14 4.84 -28.39
N ASN B 6 -6.89 5.74 -27.43
CA ASN B 6 -5.56 6.27 -27.21
C ASN B 6 -4.69 5.12 -26.76
N GLU B 7 -5.24 4.33 -25.85
CA GLU B 7 -4.59 3.12 -25.38
C GLU B 7 -4.48 2.08 -26.48
N GLY B 8 -5.54 1.92 -27.27
CA GLY B 8 -5.55 0.93 -28.32
C GLY B 8 -4.49 1.18 -29.37
N ALA B 9 -4.28 2.45 -29.70
CA ALA B 9 -3.28 2.81 -30.70
C ALA B 9 -1.88 2.43 -30.23
N ILE B 10 -1.62 2.64 -28.95
CA ILE B 10 -0.33 2.28 -28.38
C ILE B 10 -0.12 0.78 -28.46
N GLY B 11 -1.18 0.04 -28.16
CA GLY B 11 -1.13 -1.41 -28.23
C GLY B 11 -0.92 -1.90 -29.64
N TYR B 12 -1.58 -1.25 -30.61
CA TYR B 12 -1.35 -1.60 -32.01
C TYR B 12 0.06 -1.22 -32.45
N MET B 13 0.55 -0.08 -31.96
CA MET B 13 1.83 0.43 -32.38
C MET B 13 2.95 -0.56 -32.04
N ALA B 14 2.86 -1.14 -30.84
CA ALA B 14 3.82 -2.14 -30.39
C ALA B 14 3.74 -3.40 -31.23
N ILE B 15 2.51 -3.85 -31.46
CA ILE B 15 2.25 -5.04 -32.27
C ILE B 15 2.77 -4.84 -33.69
N ASP B 16 2.57 -3.65 -34.23
CA ASP B 16 3.05 -3.37 -35.57
C ASP B 16 4.57 -3.52 -35.63
N ILE B 17 5.25 -2.98 -34.62
CA ILE B 17 6.70 -3.13 -34.51
C ILE B 17 7.16 -4.56 -34.28
N LEU B 18 6.56 -5.25 -33.31
CA LEU B 18 6.95 -6.61 -33.03
C LEU B 18 6.74 -7.56 -34.21
N GLN B 19 5.56 -7.48 -34.83
CA GLN B 19 5.24 -8.33 -35.97
C GLN B 19 6.15 -8.00 -37.14
N SER B 20 6.49 -6.72 -37.26
CA SER B 20 7.39 -6.26 -38.30
C SER B 20 8.77 -6.89 -38.15
N GLN B 21 9.10 -7.27 -36.92
CA GLN B 21 10.42 -7.81 -36.62
C GLN B 21 10.40 -9.31 -36.31
N ASN B 22 9.27 -9.95 -36.63
CA ASN B 22 9.10 -11.39 -36.45
C ASN B 22 9.31 -11.85 -35.02
N ILE B 23 8.74 -11.11 -34.06
CA ILE B 23 8.86 -11.45 -32.65
C ILE B 23 7.53 -12.05 -32.20
N GLU B 24 7.57 -13.27 -31.64
CA GLU B 24 6.32 -13.97 -31.36
C GLU B 24 5.96 -14.13 -29.88
N THR B 25 6.92 -14.01 -28.98
CA THR B 25 6.64 -14.15 -27.55
C THR B 25 7.25 -13.05 -26.70
N ILE B 26 6.61 -12.78 -25.58
CA ILE B 26 7.12 -11.81 -24.63
C ILE B 26 7.31 -12.49 -23.28
N THR B 27 8.33 -12.08 -22.55
CA THR B 27 8.59 -12.65 -21.23
C THR B 27 8.16 -11.66 -20.16
N ILE B 28 7.11 -12.03 -19.44
CA ILE B 28 6.59 -11.20 -18.36
C ILE B 28 6.75 -11.99 -17.08
N ASN B 29 7.52 -11.41 -16.18
CA ASN B 29 7.95 -12.09 -14.96
C ASN B 29 8.80 -13.25 -15.44
N ASP B 30 8.40 -14.48 -15.19
CA ASP B 30 9.19 -15.61 -15.67
C ASP B 30 8.36 -16.55 -16.53
N ASN B 31 7.38 -15.98 -17.22
CA ASN B 31 6.53 -16.72 -18.13
C ASN B 31 6.62 -16.17 -19.54
N GLU B 32 6.28 -17.02 -20.50
CA GLU B 32 6.34 -16.64 -21.89
C GLU B 32 4.92 -16.58 -22.39
N TYR B 33 4.60 -15.52 -23.10
CA TYR B 33 3.25 -15.34 -23.56
C TYR B 33 3.34 -15.21 -25.05
N LYS B 34 2.46 -15.90 -25.76
CA LYS B 34 2.58 -15.92 -27.21
C LYS B 34 1.64 -14.92 -27.79
N LEU B 35 2.20 -14.02 -28.59
CA LEU B 35 1.45 -12.93 -29.17
C LEU B 35 0.49 -13.43 -30.23
N ASN B 36 -0.69 -12.83 -30.29
CA ASN B 36 -1.61 -13.11 -31.37
C ASN B 36 -1.11 -12.37 -32.60
N LYS B 37 -1.61 -12.76 -33.76
CA LYS B 37 -1.18 -12.14 -35.02
C LYS B 37 -2.34 -11.40 -35.64
N PHE B 38 -2.10 -10.19 -36.09
CA PHE B 38 -3.16 -9.36 -36.63
C PHE B 38 -2.85 -8.94 -38.06
N ASN B 39 -3.84 -9.12 -38.93
CA ASN B 39 -3.71 -8.75 -40.33
C ASN B 39 -3.59 -7.25 -40.53
N ASN B 40 -4.43 -6.50 -39.83
CA ASN B 40 -4.53 -5.06 -40.03
C ASN B 40 -5.13 -4.39 -38.79
N ILE B 41 -5.40 -3.08 -38.90
CA ILE B 41 -6.00 -2.33 -37.81
C ILE B 41 -7.42 -2.80 -37.46
N LYS B 42 -8.22 -3.11 -38.48
CA LYS B 42 -9.61 -3.53 -38.26
C LYS B 42 -9.62 -4.87 -37.51
N ASP B 43 -8.65 -5.73 -37.84
CA ASP B 43 -8.49 -7.02 -37.19
C ASP B 43 -8.15 -6.91 -35.72
N TYR B 44 -7.18 -6.05 -35.41
CA TYR B 44 -6.78 -5.82 -34.04
C TYR B 44 -7.86 -5.15 -33.22
N ILE B 45 -8.45 -4.10 -33.77
CA ILE B 45 -9.46 -3.33 -33.04
C ILE B 45 -10.65 -4.22 -32.74
N SER B 46 -10.94 -5.14 -33.65
CA SER B 46 -12.07 -6.03 -33.51
C SER B 46 -11.82 -6.98 -32.35
N LYS B 47 -10.56 -7.31 -32.13
CA LYS B 47 -10.18 -8.33 -31.16
C LYS B 47 -10.06 -7.76 -29.75
N VAL B 48 -9.45 -6.59 -29.62
CA VAL B 48 -9.20 -6.00 -28.31
C VAL B 48 -10.24 -5.01 -27.80
N TRP B 49 -11.11 -4.51 -28.67
CA TRP B 49 -12.08 -3.51 -28.24
C TRP B 49 -13.49 -4.08 -28.09
N GLY B 50 -14.10 -3.83 -26.94
CA GLY B 50 -15.43 -4.32 -26.65
C GLY B 50 -16.49 -3.69 -27.53
N ALA B 51 -16.26 -2.42 -27.85
CA ALA B 51 -17.26 -1.59 -28.48
C ALA B 51 -17.07 -1.50 -29.98
N ALA B 52 -16.19 -2.36 -30.49
CA ALA B 52 -15.81 -2.34 -31.90
C ALA B 52 -17.00 -2.59 -32.80
N SER B 53 -17.87 -3.50 -32.35
CA SER B 53 -19.05 -3.89 -33.13
C SER B 53 -20.04 -2.74 -33.27
N VAL B 54 -20.22 -1.99 -32.20
CA VAL B 54 -21.14 -0.86 -32.16
C VAL B 54 -20.78 0.33 -33.07
N TYR B 55 -19.57 0.85 -32.93
CA TYR B 55 -19.14 2.04 -33.66
C TYR B 55 -18.79 1.92 -35.13
N ASN B 56 -17.98 0.92 -35.49
CA ASN B 56 -17.47 0.80 -36.86
C ASN B 56 -16.78 2.05 -37.38
N LEU B 57 -15.75 2.48 -36.68
CA LEU B 57 -14.97 3.63 -37.12
C LEU B 57 -14.03 3.13 -38.20
N ASP B 58 -13.40 4.05 -38.91
CA ASP B 58 -12.35 3.65 -39.83
C ASP B 58 -11.08 4.30 -39.36
N LEU B 59 -10.10 3.48 -39.01
CA LEU B 59 -8.92 4.00 -38.35
C LEU B 59 -7.73 3.85 -39.27
N GLY B 60 -6.92 4.89 -39.31
CA GLY B 60 -5.78 4.93 -40.22
C GLY B 60 -4.52 4.73 -39.42
N ASN B 61 -3.39 5.07 -40.02
CA ASN B 61 -2.12 4.88 -39.35
C ASN B 61 -1.72 6.20 -38.70
N ASP B 62 -2.68 7.13 -38.69
CA ASP B 62 -2.58 8.32 -37.87
C ASP B 62 -3.25 8.05 -36.53
N TYR B 63 -2.46 7.56 -35.60
CA TYR B 63 -2.96 7.11 -34.31
C TYR B 63 -3.46 8.25 -33.42
N THR B 64 -2.99 9.46 -33.68
CA THR B 64 -3.42 10.62 -32.90
C THR B 64 -4.88 10.96 -33.19
N LYS B 65 -5.40 10.44 -34.29
CA LYS B 65 -6.79 10.67 -34.66
C LYS B 65 -7.74 9.53 -34.29
N TRP B 66 -7.23 8.48 -33.66
CA TRP B 66 -8.07 7.34 -33.33
C TRP B 66 -9.17 7.71 -32.34
N GLN B 67 -8.78 8.37 -31.25
CA GLN B 67 -9.75 8.83 -30.26
C GLN B 67 -10.68 9.89 -30.82
N SER B 68 -10.15 10.75 -31.69
CA SER B 68 -10.94 11.83 -32.28
C SER B 68 -12.13 11.32 -33.09
N SER B 69 -11.97 10.15 -33.70
CA SER B 69 -13.04 9.57 -34.48
C SER B 69 -14.22 9.26 -33.57
N LEU B 70 -13.93 8.64 -32.43
CA LEU B 70 -14.91 8.35 -31.40
C LEU B 70 -15.46 9.63 -30.79
N ASP B 71 -14.58 10.63 -30.68
CA ASP B 71 -14.95 11.92 -30.11
C ASP B 71 -15.98 12.63 -30.97
N ASN B 72 -15.78 12.58 -32.28
CA ASN B 72 -16.72 13.18 -33.22
C ASN B 72 -18.07 12.49 -33.29
N VAL B 73 -18.08 11.17 -33.12
CA VAL B 73 -19.33 10.41 -33.07
C VAL B 73 -20.21 10.75 -31.86
N GLU B 74 -19.60 10.78 -30.67
CA GLU B 74 -20.37 10.99 -29.45
C GLU B 74 -20.47 12.44 -29.00
N THR B 75 -19.58 13.30 -29.50
CA THR B 75 -19.72 14.74 -29.36
C THR B 75 -19.79 15.21 -27.90
N ASP B 76 -20.98 15.60 -27.47
CA ASP B 76 -21.19 16.19 -26.14
C ASP B 76 -20.94 15.22 -25.01
N ASN B 77 -21.15 13.94 -25.27
CA ASN B 77 -20.94 12.90 -24.27
C ASN B 77 -19.49 12.90 -23.81
N ILE B 78 -18.58 13.22 -24.71
CA ILE B 78 -17.15 13.19 -24.41
C ILE B 78 -16.76 14.18 -23.32
N LYS B 79 -17.07 15.45 -23.55
CA LYS B 79 -16.78 16.49 -22.56
C LYS B 79 -17.59 16.30 -21.28
N ASN B 80 -18.84 15.93 -21.44
CA ASN B 80 -19.76 15.76 -20.33
C ASN B 80 -19.35 14.62 -19.41
N TYR B 81 -18.83 13.55 -20.01
CA TYR B 81 -18.32 12.43 -19.23
C TYR B 81 -17.10 12.82 -18.42
N ILE B 82 -16.17 13.52 -19.04
CA ILE B 82 -14.94 13.92 -18.37
C ILE B 82 -15.22 14.84 -17.19
N ASN B 83 -16.24 15.68 -17.34
CA ASN B 83 -16.57 16.65 -16.31
C ASN B 83 -17.63 16.14 -15.35
N GLY B 84 -18.14 14.94 -15.64
CA GLY B 84 -19.20 14.37 -14.85
C GLY B 84 -18.73 13.80 -13.53
N HIS B 85 -19.68 13.68 -12.59
CA HIS B 85 -19.40 13.16 -11.25
C HIS B 85 -20.64 12.46 -10.70
N ASP B 86 -20.47 11.75 -9.60
CA ASP B 86 -21.56 10.94 -9.03
C ASP B 86 -22.37 11.72 -8.01
N ASN B 87 -23.32 11.05 -7.37
CA ASN B 87 -24.11 11.65 -6.31
C ASN B 87 -23.26 11.76 -5.04
N VAL B 88 -23.35 12.89 -4.36
CA VAL B 88 -22.54 13.08 -3.16
C VAL B 88 -23.36 13.10 -1.88
N TYR B 89 -22.97 12.26 -0.94
CA TYR B 89 -23.72 12.09 0.30
C TYR B 89 -22.89 12.59 1.46
N TYR B 90 -23.53 13.29 2.38
CA TYR B 90 -22.81 13.81 3.54
C TYR B 90 -23.51 13.38 4.83
N ASN B 91 -22.75 12.81 5.76
CA ASN B 91 -23.27 12.51 7.08
C ASN B 91 -22.78 13.52 8.10
N PRO B 92 -23.58 14.56 8.36
CA PRO B 92 -23.13 15.67 9.21
C PRO B 92 -22.93 15.26 10.67
N GLY B 93 -23.93 14.62 11.28
CA GLY B 93 -23.78 14.15 12.64
C GLY B 93 -24.15 12.67 12.71
N GLY B 94 -25.45 12.44 12.77
CA GLY B 94 -26.01 11.10 12.77
C GLY B 94 -27.51 11.27 12.82
N LYS B 95 -28.28 10.24 12.48
CA LYS B 95 -27.79 8.97 11.96
C LYS B 95 -27.89 8.96 10.45
N ASN B 96 -28.45 10.03 9.90
CA ASN B 96 -28.77 10.09 8.47
C ASN B 96 -27.80 10.80 7.55
N LYS B 97 -27.92 10.42 6.29
CA LYS B 97 -27.01 10.77 5.22
C LYS B 97 -27.80 11.55 4.16
N TYR B 98 -27.22 12.65 3.68
CA TYR B 98 -27.94 13.57 2.83
C TYR B 98 -27.27 13.79 1.49
N LEU B 99 -28.09 14.00 0.46
CA LEU B 99 -27.59 14.29 -0.86
C LEU B 99 -27.31 15.76 -0.95
N ILE B 100 -26.03 16.12 -0.88
CA ILE B 100 -25.66 17.53 -0.90
C ILE B 100 -25.26 18.01 -2.29
N ILE B 101 -24.72 17.10 -3.11
CA ILE B 101 -24.48 17.40 -4.52
C ILE B 101 -25.05 16.31 -5.42
N GLU B 102 -25.91 16.70 -6.37
CA GLU B 102 -26.46 15.75 -7.32
C GLU B 102 -25.51 15.40 -8.45
N ALA B 103 -25.60 14.16 -8.92
CA ALA B 103 -24.73 13.65 -9.97
C ALA B 103 -24.99 14.34 -11.29
N SER B 104 -24.03 14.25 -12.20
CA SER B 104 -24.19 14.86 -13.50
C SER B 104 -25.24 14.08 -14.29
N LYS B 105 -25.75 14.67 -15.36
CA LYS B 105 -26.84 14.06 -16.11
C LYS B 105 -26.37 12.73 -16.68
N GLU B 106 -27.29 11.78 -16.77
CA GLU B 106 -26.93 10.47 -17.30
C GLU B 106 -26.68 10.57 -18.78
N LEU B 107 -25.62 9.94 -19.23
CA LEU B 107 -25.21 10.01 -20.63
C LEU B 107 -25.68 8.75 -21.33
N LYS B 108 -26.14 8.89 -22.55
CA LYS B 108 -26.51 7.72 -23.33
C LYS B 108 -25.53 7.62 -24.49
N TRP B 109 -24.76 6.54 -24.52
CA TRP B 109 -23.79 6.35 -25.59
C TRP B 109 -24.43 5.56 -26.71
N LYS B 110 -23.72 5.44 -27.83
CA LYS B 110 -24.24 4.72 -28.98
C LYS B 110 -24.34 3.23 -28.68
N GLY B 111 -25.48 2.62 -29.01
CA GLY B 111 -25.69 1.22 -28.70
C GLY B 111 -26.13 1.03 -27.27
N ASN B 112 -26.32 2.15 -26.57
CA ASN B 112 -26.65 2.16 -25.15
C ASN B 112 -25.57 1.39 -24.40
N LEU B 113 -24.33 1.74 -24.71
CA LEU B 113 -23.18 1.04 -24.15
C LEU B 113 -22.94 1.37 -22.69
N ASN B 114 -22.05 0.59 -22.07
CA ASN B 114 -21.74 0.73 -20.67
C ASN B 114 -20.26 1.07 -20.56
N ASN B 115 -19.83 1.69 -19.47
CA ASN B 115 -18.46 2.20 -19.40
C ASN B 115 -17.41 1.10 -19.51
N ASN B 116 -17.78 -0.11 -19.10
CA ASN B 116 -16.91 -1.27 -19.21
C ASN B 116 -16.64 -1.69 -20.65
N LYS B 117 -17.62 -1.50 -21.53
CA LYS B 117 -17.49 -1.94 -22.92
C LYS B 117 -16.46 -1.15 -23.70
N PHE B 118 -16.16 0.05 -23.23
CA PHE B 118 -15.22 0.91 -23.93
C PHE B 118 -13.79 0.50 -23.63
N ASN B 119 -13.64 -0.43 -22.70
CA ASN B 119 -12.32 -0.89 -22.30
C ASN B 119 -11.62 -1.66 -23.41
N VAL B 120 -10.30 -1.52 -23.47
CA VAL B 120 -9.51 -2.26 -24.44
C VAL B 120 -8.74 -3.36 -23.73
N ASN B 121 -9.02 -4.61 -24.09
CA ASN B 121 -8.40 -5.74 -23.40
C ASN B 121 -7.02 -6.03 -23.93
N LEU B 122 -6.03 -5.47 -23.26
CA LEU B 122 -4.65 -5.57 -23.69
C LEU B 122 -4.14 -7.00 -23.50
N LYS B 123 -4.97 -7.80 -22.83
CA LYS B 123 -4.66 -9.22 -22.62
C LYS B 123 -5.02 -10.05 -23.84
N SER B 124 -5.83 -9.51 -24.74
CA SER B 124 -6.27 -10.26 -25.91
C SER B 124 -5.21 -10.27 -27.00
N ILE B 125 -4.14 -9.50 -26.77
CA ILE B 125 -2.96 -9.49 -27.61
C ILE B 125 -2.19 -10.81 -27.45
N PHE B 126 -2.36 -11.47 -26.31
CA PHE B 126 -1.74 -12.76 -26.08
C PHE B 126 -2.81 -13.85 -26.17
N SER B 127 -2.46 -14.96 -26.81
CA SER B 127 -3.36 -16.12 -26.87
C SER B 127 -3.53 -16.79 -25.51
N ASN B 128 -2.45 -16.83 -24.72
CA ASN B 128 -2.48 -17.51 -23.43
C ASN B 128 -2.44 -16.55 -22.24
N ALA B 129 -3.17 -15.44 -22.36
CA ALA B 129 -3.15 -14.36 -21.35
C ALA B 129 -3.75 -14.81 -20.03
N GLU B 130 -4.50 -15.91 -20.07
CA GLU B 130 -5.31 -16.36 -18.95
C GLU B 130 -4.39 -16.67 -17.76
N ASN B 131 -3.12 -16.88 -18.08
CA ASN B 131 -2.07 -17.17 -17.11
C ASN B 131 -1.43 -15.89 -16.58
N LEU B 132 -1.87 -14.75 -17.08
CA LEU B 132 -1.23 -13.46 -16.77
C LEU B 132 -1.75 -12.80 -15.51
N LYS B 133 -0.82 -12.27 -14.72
CA LYS B 133 -1.16 -11.66 -13.44
C LYS B 133 -0.78 -10.19 -13.41
N VAL B 134 -0.97 -9.53 -14.55
CA VAL B 134 -0.63 -8.12 -14.70
C VAL B 134 -1.86 -7.27 -15.02
N GLY B 135 -1.96 -6.11 -14.36
CA GLY B 135 -3.07 -5.20 -14.56
C GLY B 135 -2.99 -4.38 -15.83
N HIS B 136 -4.09 -3.73 -16.17
CA HIS B 136 -4.23 -3.02 -17.44
C HIS B 136 -3.18 -1.94 -17.60
N SER B 137 -2.93 -1.19 -16.54
CA SER B 137 -1.98 -0.09 -16.61
C SER B 137 -0.55 -0.54 -16.88
N ASP B 138 -0.14 -1.62 -16.23
CA ASP B 138 1.21 -2.14 -16.44
C ASP B 138 1.34 -2.73 -17.85
N LEU B 139 0.28 -3.35 -18.34
CA LEU B 139 0.28 -3.80 -19.72
C LEU B 139 0.37 -2.61 -20.68
N LEU B 140 -0.33 -1.53 -20.37
CA LEU B 140 -0.20 -0.32 -21.19
C LEU B 140 1.23 0.18 -21.10
N LYS B 141 1.78 0.12 -19.89
CA LYS B 141 3.17 0.49 -19.66
C LYS B 141 4.11 -0.43 -20.43
N LEU B 142 3.79 -1.71 -20.49
CA LEU B 142 4.59 -2.69 -21.21
C LEU B 142 4.65 -2.43 -22.72
N PHE B 143 3.48 -2.27 -23.34
CA PHE B 143 3.42 -1.97 -24.77
C PHE B 143 3.97 -0.59 -25.10
N SER B 144 3.77 0.38 -24.21
CA SER B 144 4.31 1.71 -24.42
C SER B 144 5.84 1.66 -24.42
N SER B 145 6.38 0.83 -23.55
CA SER B 145 7.82 0.68 -23.42
C SER B 145 8.45 0.09 -24.67
N ILE B 146 7.74 -0.84 -25.29
CA ILE B 146 8.21 -1.45 -26.53
C ILE B 146 8.31 -0.43 -27.65
N VAL B 147 7.31 0.44 -27.76
CA VAL B 147 7.32 1.51 -28.76
C VAL B 147 8.46 2.51 -28.52
N ASN B 148 8.73 2.84 -27.27
CA ASN B 148 9.86 3.70 -26.96
C ASN B 148 11.21 3.06 -27.31
N SER B 149 11.36 1.80 -26.92
CA SER B 149 12.57 1.06 -27.21
C SER B 149 12.81 0.77 -28.69
N LYS B 150 11.81 0.23 -29.38
CA LYS B 150 11.98 -0.23 -30.75
C LYS B 150 11.35 0.67 -31.81
N GLY B 151 10.57 1.64 -31.37
CA GLY B 151 9.89 2.52 -32.29
C GLY B 151 10.84 3.46 -32.97
N SER B 152 10.42 3.98 -34.12
CA SER B 152 11.22 4.96 -34.83
C SER B 152 11.08 6.28 -34.10
N ASP B 153 11.81 7.29 -34.55
CA ASP B 153 11.77 8.59 -33.89
C ASP B 153 10.39 9.21 -34.07
N ASN B 154 9.83 9.05 -35.26
CA ASN B 154 8.48 9.51 -35.59
CA ASN B 154 8.49 9.57 -35.53
C ASN B 154 7.44 8.81 -34.73
N GLN B 155 7.64 7.51 -34.55
CA GLN B 155 6.73 6.68 -33.79
C GLN B 155 6.68 7.08 -32.32
N LYS B 156 7.85 7.36 -31.75
CA LYS B 156 7.95 7.81 -30.36
C LYS B 156 7.26 9.16 -30.16
N LYS B 157 7.29 9.99 -31.18
CA LYS B 157 6.61 11.28 -31.14
C LYS B 157 5.10 11.08 -31.03
N VAL B 158 4.59 10.10 -31.77
CA VAL B 158 3.19 9.72 -31.69
C VAL B 158 2.81 9.10 -30.35
N LEU B 159 3.67 8.25 -29.81
CA LEU B 159 3.42 7.60 -28.53
C LEU B 159 3.31 8.61 -27.41
N ASN B 160 4.17 9.60 -27.45
CA ASN B 160 4.20 10.65 -26.46
C ASN B 160 2.93 11.50 -26.50
N SER B 161 2.45 11.81 -27.69
CA SER B 161 1.23 12.58 -27.84
C SER B 161 0.05 11.78 -27.29
N LEU B 162 0.06 10.47 -27.57
CA LEU B 162 -0.98 9.57 -27.11
C LEU B 162 -0.99 9.41 -25.60
N LEU B 163 0.21 9.29 -25.03
CA LEU B 163 0.37 9.18 -23.59
C LEU B 163 -0.12 10.46 -22.92
N ASP B 164 0.24 11.59 -23.53
CA ASP B 164 -0.12 12.91 -23.02
C ASP B 164 -1.63 13.11 -23.02
N ASN B 165 -2.25 12.59 -24.07
CA ASN B 165 -3.69 12.64 -24.24
C ASN B 165 -4.40 11.86 -23.14
N ILE B 166 -3.86 10.68 -22.82
CA ILE B 166 -4.41 9.85 -21.77
C ILE B 166 -4.33 10.57 -20.42
N ASN B 167 -3.20 11.21 -20.17
CA ASN B 167 -2.98 11.89 -18.90
C ASN B 167 -4.00 13.00 -18.69
N ASP B 168 -4.23 13.79 -19.73
CA ASP B 168 -5.06 14.98 -19.62
C ASP B 168 -6.50 14.62 -19.24
N ARG B 169 -7.10 13.72 -20.01
CA ARG B 169 -8.47 13.29 -19.74
C ARG B 169 -8.59 12.46 -18.48
N ARG B 170 -7.62 11.57 -18.24
CA ARG B 170 -7.66 10.71 -17.06
C ARG B 170 -7.55 11.50 -15.76
N LEU B 171 -6.64 12.45 -15.73
CA LEU B 171 -6.49 13.31 -14.57
C LEU B 171 -7.70 14.18 -14.36
N LYS B 172 -8.20 14.76 -15.44
CA LYS B 172 -9.35 15.66 -15.37
C LYS B 172 -10.59 14.94 -14.87
N LYS B 173 -10.79 13.71 -15.33
CA LYS B 173 -11.91 12.94 -14.84
C LYS B 173 -11.75 12.67 -13.35
N LEU B 174 -10.50 12.42 -12.94
CA LEU B 174 -10.19 12.16 -11.53
C LEU B 174 -10.44 13.37 -10.64
N VAL B 175 -10.04 14.55 -11.10
CA VAL B 175 -10.35 15.77 -10.39
C VAL B 175 -11.85 16.08 -10.39
N SER B 176 -12.48 15.91 -11.54
CA SER B 176 -13.88 16.28 -11.71
C SER B 176 -14.81 15.40 -10.89
N THR B 177 -14.39 14.17 -10.62
CA THR B 177 -15.24 13.24 -9.89
C THR B 177 -15.07 13.41 -8.38
N GLY B 178 -14.07 14.19 -7.98
CA GLY B 178 -13.79 14.42 -6.58
C GLY B 178 -12.92 13.33 -5.96
N GLN B 179 -12.43 12.42 -6.79
CA GLN B 179 -11.70 11.26 -6.29
C GLN B 179 -10.21 11.51 -6.14
N TRP B 180 -9.76 12.69 -6.58
CA TRP B 180 -8.35 13.05 -6.54
C TRP B 180 -7.79 13.13 -5.11
N THR B 181 -8.65 13.51 -4.17
CA THR B 181 -8.24 13.69 -2.78
C THR B 181 -7.71 12.39 -2.19
N GLU B 182 -8.39 11.31 -2.51
CA GLU B 182 -8.02 9.99 -2.01
C GLU B 182 -6.77 9.43 -2.70
N ALA B 183 -6.34 10.07 -3.77
CA ALA B 183 -5.25 9.51 -4.56
C ALA B 183 -3.91 10.19 -4.35
N ILE B 184 -3.89 11.25 -3.54
CA ILE B 184 -2.63 11.90 -3.19
C ILE B 184 -2.50 11.99 -1.69
N SER B 185 -1.40 12.56 -1.23
CA SER B 185 -1.07 12.56 0.18
C SER B 185 -1.84 13.65 0.91
N ASP B 186 -2.11 13.40 2.19
CA ASP B 186 -3.00 14.24 2.96
C ASP B 186 -2.48 15.66 3.03
N SER B 187 -1.16 15.77 3.19
CA SER B 187 -0.51 17.06 3.31
C SER B 187 -0.67 17.93 2.06
N VAL B 188 -0.42 17.35 0.90
CA VAL B 188 -0.57 18.06 -0.37
C VAL B 188 -2.03 18.39 -0.69
N ALA B 189 -2.93 17.46 -0.37
CA ALA B 189 -4.34 17.65 -0.61
C ALA B 189 -4.84 18.87 0.16
N ASN B 190 -4.41 18.99 1.41
CA ASN B 190 -4.80 20.13 2.22
C ASN B 190 -4.19 21.44 1.70
N GLU B 191 -2.99 21.37 1.14
CA GLU B 191 -2.36 22.56 0.60
C GLU B 191 -3.19 23.08 -0.58
N ILE B 192 -3.55 22.16 -1.48
CA ILE B 192 -4.33 22.52 -2.65
C ILE B 192 -5.71 23.02 -2.23
N ALA B 193 -6.27 22.38 -1.21
CA ALA B 193 -7.56 22.78 -0.65
C ALA B 193 -7.50 24.17 -0.04
N LYS B 194 -6.41 24.42 0.69
CA LYS B 194 -6.17 25.73 1.30
C LYS B 194 -6.06 26.79 0.22
N ASN B 195 -5.26 26.47 -0.78
CA ASN B 195 -5.01 27.37 -1.89
C ASN B 195 -6.24 27.64 -2.75
N ASN B 196 -7.12 26.64 -2.85
CA ASN B 196 -8.28 26.75 -3.74
C ASN B 196 -9.62 26.97 -3.02
N LYS B 197 -9.56 27.29 -1.73
CA LYS B 197 -10.76 27.63 -0.97
C LYS B 197 -11.75 26.48 -0.97
N LEU B 198 -11.24 25.27 -0.80
CA LEU B 198 -12.09 24.10 -0.75
C LEU B 198 -12.29 23.70 0.69
N THR B 199 -13.35 22.93 0.92
CA THR B 199 -13.69 22.49 2.25
C THR B 199 -13.56 20.98 2.32
N SER B 200 -12.92 20.50 3.38
CA SER B 200 -12.69 19.07 3.48
C SER B 200 -13.76 18.45 4.36
N ILE B 201 -14.46 17.48 3.79
CA ILE B 201 -15.54 16.81 4.47
C ILE B 201 -15.39 15.33 4.24
N LYS B 202 -16.17 14.55 4.97
CA LYS B 202 -16.16 13.12 4.83
C LYS B 202 -17.43 12.78 4.09
N ALA B 203 -17.30 12.14 2.94
CA ALA B 203 -18.44 11.98 2.04
C ALA B 203 -18.42 10.66 1.30
N GLN B 204 -19.53 10.33 0.67
CA GLN B 204 -19.67 9.09 -0.06
C GLN B 204 -20.01 9.34 -1.52
N LEU B 205 -19.26 8.74 -2.43
CA LEU B 205 -19.47 8.93 -3.86
C LEU B 205 -20.15 7.72 -4.46
N GLY B 206 -21.39 7.88 -4.90
CA GLY B 206 -22.16 6.75 -5.37
C GLY B 206 -22.36 5.72 -4.28
N SER B 207 -22.04 4.47 -4.59
CA SER B 207 -22.16 3.39 -3.63
C SER B 207 -20.84 3.09 -2.96
N GLN B 208 -19.83 3.91 -3.24
CA GLN B 208 -18.48 3.64 -2.75
C GLN B 208 -18.39 3.84 -1.25
N LYS B 209 -17.29 3.40 -0.66
CA LYS B 209 -17.07 3.57 0.76
C LYS B 209 -16.85 5.05 1.02
N THR B 210 -17.10 5.48 2.26
CA THR B 210 -16.96 6.88 2.60
C THR B 210 -15.48 7.22 2.47
N GLN B 211 -15.16 8.46 2.09
CA GLN B 211 -13.78 8.86 1.84
C GLN B 211 -13.61 10.35 2.04
N ASN B 212 -12.40 10.85 1.78
CA ASN B 212 -12.14 12.26 1.93
C ASN B 212 -12.42 12.96 0.62
N VAL B 213 -13.27 13.97 0.68
CA VAL B 213 -13.71 14.71 -0.50
C VAL B 213 -13.54 16.17 -0.16
N MET B 214 -13.17 16.94 -1.17
CA MET B 214 -13.02 18.37 -1.02
C MET B 214 -13.95 19.09 -1.97
N ILE B 215 -14.81 19.94 -1.42
CA ILE B 215 -15.90 20.54 -2.20
C ILE B 215 -15.78 22.04 -2.11
N ASP B 216 -16.39 22.75 -3.05
CA ASP B 216 -16.45 24.19 -2.97
C ASP B 216 -17.77 24.52 -2.29
N ALA B 217 -17.67 25.16 -1.12
CA ALA B 217 -18.85 25.39 -0.28
C ALA B 217 -19.56 26.68 -0.68
N ASN B 218 -19.01 27.38 -1.65
CA ASN B 218 -19.66 28.55 -2.24
C ASN B 218 -20.02 29.63 -1.22
N GLY B 219 -19.11 29.92 -0.31
CA GLY B 219 -19.38 30.86 0.76
C GLY B 219 -20.56 30.43 1.61
N HIS B 220 -20.46 29.21 2.14
CA HIS B 220 -21.48 28.65 3.02
C HIS B 220 -20.81 28.14 4.28
N ASP B 221 -21.58 28.10 5.37
CA ASP B 221 -21.08 27.53 6.60
C ASP B 221 -21.76 26.18 6.69
N LEU B 222 -20.98 25.12 6.60
CA LEU B 222 -21.57 23.79 6.61
C LEU B 222 -22.05 23.43 8.00
N LEU B 223 -21.54 24.15 8.99
CA LEU B 223 -22.01 24.03 10.35
C LEU B 223 -23.42 24.60 10.52
N LYS B 224 -23.72 25.67 9.78
CA LYS B 224 -24.95 26.42 9.97
C LYS B 224 -26.17 25.93 9.17
N ILE B 225 -25.95 24.99 8.26
CA ILE B 225 -27.02 24.51 7.38
C ILE B 225 -27.92 23.51 8.11
N ASP B 226 -29.21 23.49 7.77
CA ASP B 226 -30.12 22.46 8.25
C ASP B 226 -30.34 21.44 7.15
N TYR B 227 -29.65 20.31 7.27
CA TYR B 227 -29.67 19.27 6.25
C TYR B 227 -31.02 18.60 6.11
N ASP B 228 -31.75 18.48 7.20
CA ASP B 228 -33.07 17.87 7.14
C ASP B 228 -34.04 18.68 6.31
N LYS B 229 -33.96 19.99 6.53
CA LYS B 229 -34.79 20.96 5.79
C LYS B 229 -34.37 21.13 4.33
N THR B 230 -33.07 21.31 4.11
CA THR B 230 -32.49 21.56 2.80
C THR B 230 -32.43 20.41 1.80
N PHE B 231 -32.05 19.22 2.28
CA PHE B 231 -31.67 18.16 1.36
C PHE B 231 -32.47 16.88 1.59
N VAL B 232 -32.45 16.00 0.59
CA VAL B 232 -33.15 14.75 0.69
C VAL B 232 -32.13 13.82 1.35
N THR B 233 -32.55 12.63 1.75
CA THR B 233 -31.68 11.77 2.51
C THR B 233 -31.63 10.45 1.75
N ALA B 234 -30.53 9.71 1.90
CA ALA B 234 -30.27 8.57 1.03
C ALA B 234 -31.37 7.51 1.18
N ASN B 235 -31.83 7.30 2.41
CA ASN B 235 -32.92 6.37 2.66
C ASN B 235 -34.22 6.84 2.01
N ASP B 236 -34.37 8.15 1.91
CA ASP B 236 -35.53 8.75 1.24
C ASP B 236 -35.52 8.41 -0.25
N LEU B 237 -34.33 8.45 -0.85
CA LEU B 237 -34.19 8.16 -2.27
C LEU B 237 -34.66 6.74 -2.57
N LYS B 238 -34.35 5.83 -1.64
CA LYS B 238 -34.76 4.43 -1.77
C LYS B 238 -36.28 4.31 -1.78
N ASN B 239 -36.93 5.12 -0.94
CA ASN B 239 -38.38 5.03 -0.82
C ASN B 239 -39.08 5.74 -1.96
N LYS B 240 -38.28 6.46 -2.76
CA LYS B 240 -38.75 7.17 -3.94
C LYS B 240 -39.65 8.32 -3.49
N ILE B 241 -39.49 8.70 -2.22
CA ILE B 241 -40.08 9.93 -1.71
C ILE B 241 -39.04 10.98 -1.96
N ILE B 242 -39.35 11.95 -2.80
CA ILE B 242 -38.34 12.94 -3.07
C ILE B 242 -39.00 14.30 -3.05
N ASP B 243 -38.38 15.23 -2.34
CA ASP B 243 -38.86 16.58 -2.31
C ASP B 243 -38.11 17.30 -3.41
N LYS B 244 -38.84 17.84 -4.36
CA LYS B 244 -38.23 18.45 -5.54
C LYS B 244 -37.36 19.62 -5.11
N ASN B 245 -37.86 20.39 -4.13
CA ASN B 245 -37.12 21.55 -3.63
C ASN B 245 -35.82 21.12 -2.97
N LYS B 246 -35.87 20.02 -2.22
CA LYS B 246 -34.68 19.49 -1.57
C LYS B 246 -33.72 18.91 -2.60
N LEU B 247 -34.26 18.20 -3.60
CA LEU B 247 -33.45 17.69 -4.69
C LEU B 247 -32.86 18.82 -5.53
N GLU B 248 -33.62 19.89 -5.69
CA GLU B 248 -33.17 21.06 -6.45
C GLU B 248 -31.98 21.69 -5.75
N ASN B 249 -31.95 21.58 -4.43
CA ASN B 249 -30.92 22.19 -3.63
C ASN B 249 -29.56 21.59 -3.95
N ALA B 250 -29.54 20.29 -4.22
CA ALA B 250 -28.30 19.59 -4.50
C ALA B 250 -27.63 20.14 -5.75
N LYS B 251 -28.41 20.75 -6.64
CA LYS B 251 -27.86 21.47 -7.78
C LYS B 251 -27.13 22.77 -7.45
N ASN B 252 -27.60 23.51 -6.45
CA ASN B 252 -27.18 24.91 -6.31
C ASN B 252 -26.30 25.26 -5.11
N TYR B 253 -26.29 24.43 -4.06
CA TYR B 253 -25.47 24.74 -2.88
C TYR B 253 -23.97 24.60 -3.08
N PHE B 254 -23.51 23.43 -3.50
CA PHE B 254 -22.09 23.18 -3.62
C PHE B 254 -21.71 22.64 -4.99
N LYS B 255 -20.41 22.62 -5.25
CA LYS B 255 -19.90 22.10 -6.51
C LYS B 255 -18.62 21.31 -6.28
N ILE B 256 -18.21 20.57 -7.30
CA ILE B 256 -16.92 19.91 -7.27
C ILE B 256 -16.00 20.78 -8.11
N GLN B 257 -14.84 21.13 -7.57
CA GLN B 257 -14.00 22.12 -8.21
C GLN B 257 -13.12 21.45 -9.26
N ASN B 258 -13.38 21.77 -10.52
CA ASN B 258 -12.60 21.21 -11.61
C ASN B 258 -12.14 22.26 -12.60
N ASN B 259 -12.02 23.51 -12.17
CA ASN B 259 -11.57 24.52 -13.10
C ASN B 259 -10.09 24.33 -13.35
N ASP B 260 -9.55 25.13 -14.26
CA ASP B 260 -8.18 24.93 -14.69
C ASP B 260 -7.18 25.21 -13.58
N LYS B 261 -7.46 26.16 -12.71
CA LYS B 261 -6.49 26.48 -11.68
C LYS B 261 -6.21 25.28 -10.73
N ILE B 262 -7.24 24.63 -10.20
CA ILE B 262 -7.01 23.46 -9.35
C ILE B 262 -6.39 22.34 -10.20
N LEU B 263 -6.83 22.24 -11.45
CA LEU B 263 -6.41 21.18 -12.35
C LEU B 263 -4.90 21.24 -12.61
N GLU B 264 -4.41 22.44 -12.87
CA GLU B 264 -2.98 22.71 -13.00
C GLU B 264 -2.25 22.48 -11.71
N ASP B 265 -2.91 22.91 -10.64
CA ASP B 265 -2.36 22.89 -9.30
C ASP B 265 -2.07 21.45 -8.88
N ILE B 266 -3.06 20.58 -9.09
CA ILE B 266 -2.92 19.16 -8.77
C ILE B 266 -1.93 18.42 -9.66
N LYS B 267 -1.92 18.74 -10.95
CA LYS B 267 -1.08 18.04 -11.91
C LYS B 267 0.40 18.19 -11.59
N SER B 268 0.78 19.37 -11.12
CA SER B 268 2.16 19.63 -10.72
C SER B 268 2.58 18.75 -9.56
N LYS B 269 1.66 18.53 -8.63
CA LYS B 269 1.96 17.75 -7.43
C LYS B 269 1.37 16.34 -7.40
N PHE B 270 0.50 15.99 -8.35
CA PHE B 270 -0.13 14.67 -8.31
C PHE B 270 0.90 13.57 -8.44
N SER B 271 1.78 13.71 -9.43
CA SER B 271 2.64 12.62 -9.85
C SER B 271 3.57 12.14 -8.76
N LYS B 272 4.20 13.08 -8.06
CA LYS B 272 5.08 12.76 -6.95
C LYS B 272 4.39 12.18 -5.71
N ASN B 273 3.16 12.63 -5.44
CA ASN B 273 2.61 12.52 -4.09
C ASN B 273 1.49 11.49 -3.89
N ILE B 274 1.50 10.43 -4.69
CA ILE B 274 0.47 9.41 -4.61
C ILE B 274 0.46 8.71 -3.24
N ASN B 275 -0.73 8.33 -2.76
CA ASN B 275 -0.90 7.78 -1.42
C ASN B 275 -0.21 6.44 -1.24
N GLU B 276 0.44 6.24 -0.09
CA GLU B 276 1.09 4.96 0.19
C GLU B 276 0.07 3.84 0.25
N ASN B 277 -1.03 4.09 0.96
CA ASN B 277 -2.08 3.08 1.12
C ASN B 277 -3.27 3.37 0.21
N ILE B 278 -3.26 2.72 -0.95
CA ILE B 278 -4.28 2.90 -1.96
C ILE B 278 -4.47 1.54 -2.63
N LYS B 279 -5.72 1.23 -2.98
CA LYS B 279 -6.02 0.07 -3.80
C LYS B 279 -7.47 0.20 -4.27
N GLY B 280 -7.86 -0.54 -5.30
CA GLY B 280 -9.24 -0.48 -5.75
C GLY B 280 -9.41 -0.02 -7.18
N SER B 281 -10.63 0.40 -7.52
CA SER B 281 -10.91 0.94 -8.84
C SER B 281 -10.09 2.21 -9.09
N ILE B 282 -9.91 2.98 -8.03
CA ILE B 282 -9.18 4.24 -8.10
C ILE B 282 -7.68 4.06 -8.39
N ARG B 283 -7.08 2.98 -7.87
CA ARG B 283 -5.64 2.80 -7.96
C ARG B 283 -5.12 2.66 -9.38
N ASP B 284 -5.89 2.00 -10.24
CA ASP B 284 -5.49 1.86 -11.64
C ASP B 284 -5.42 3.21 -12.30
N HIS B 285 -6.34 4.06 -11.92
CA HIS B 285 -6.46 5.39 -12.49
C HIS B 285 -5.21 6.19 -12.06
N ALA B 286 -4.83 6.03 -10.80
CA ALA B 286 -3.65 6.68 -10.24
C ALA B 286 -2.36 6.13 -10.84
N LYS B 287 -2.36 4.83 -11.13
CA LYS B 287 -1.20 4.16 -11.71
C LYS B 287 -1.00 4.70 -13.12
N LEU B 288 -2.11 4.87 -13.82
CA LEU B 288 -2.13 5.33 -15.19
C LEU B 288 -1.63 6.76 -15.34
N ILE B 289 -2.14 7.64 -14.49
CA ILE B 289 -1.80 9.06 -14.56
C ILE B 289 -0.33 9.25 -14.26
N GLU B 290 0.17 8.51 -13.28
CA GLU B 290 1.56 8.63 -12.87
C GLU B 290 2.51 8.23 -13.99
N PHE B 291 2.24 7.09 -14.62
CA PHE B 291 3.08 6.62 -15.70
C PHE B 291 3.00 7.54 -16.93
N THR B 292 1.80 7.89 -17.34
CA THR B 292 1.62 8.74 -18.52
C THR B 292 2.24 10.13 -18.32
N GLU B 293 2.22 10.61 -17.08
CA GLU B 293 2.86 11.87 -16.72
C GLU B 293 4.39 11.82 -16.67
N ASN B 294 4.94 10.99 -15.78
CA ASN B 294 6.39 10.83 -15.66
C ASN B 294 7.08 10.08 -16.79
N LYS B 295 6.43 9.04 -17.32
CA LYS B 295 6.93 8.30 -18.48
C LYS B 295 8.19 7.50 -18.17
N LYS B 296 8.14 6.72 -17.09
CA LYS B 296 9.27 5.88 -16.74
C LYS B 296 9.05 4.53 -17.40
N PHE B 297 9.61 4.31 -18.58
CA PHE B 297 9.34 3.06 -19.28
C PHE B 297 10.15 1.89 -18.73
N ASN B 298 9.64 0.69 -18.95
CA ASN B 298 10.38 -0.51 -18.61
C ASN B 298 11.49 -0.75 -19.61
N THR B 299 12.36 -1.69 -19.31
CA THR B 299 13.48 -2.00 -20.19
C THR B 299 13.19 -3.28 -20.99
N ILE B 300 13.55 -3.25 -22.27
CA ILE B 300 13.31 -4.39 -23.15
C ILE B 300 14.61 -5.01 -23.67
N ASN B 301 14.75 -6.31 -23.49
CA ASN B 301 15.92 -6.99 -23.96
C ASN B 301 15.53 -7.91 -25.09
N ASP B 302 16.43 -8.02 -26.07
CA ASP B 302 16.24 -8.96 -27.15
C ASP B 302 16.98 -10.26 -26.86
N ASN B 303 16.20 -11.34 -26.86
CA ASN B 303 16.67 -12.70 -26.62
C ASN B 303 17.32 -13.30 -27.87
N SER B 304 18.61 -13.59 -27.71
CA SER B 304 19.51 -13.85 -28.83
C SER B 304 19.77 -15.29 -29.22
N ASN B 305 19.06 -15.68 -30.26
CA ASN B 305 19.31 -16.90 -31.03
C ASN B 305 18.35 -16.85 -32.21
N SER B 308 17.86 -21.37 -35.89
CA SER B 308 16.53 -21.96 -35.93
C SER B 308 15.60 -21.22 -34.97
N LYS B 309 15.78 -19.91 -34.94
CA LYS B 309 15.14 -19.03 -33.95
C LYS B 309 13.62 -18.79 -34.01
N ILE B 310 13.09 -18.54 -32.82
CA ILE B 310 11.82 -17.85 -32.65
C ILE B 310 12.26 -16.60 -31.91
N LYS B 311 11.87 -15.43 -32.40
CA LYS B 311 12.30 -14.20 -31.75
C LYS B 311 11.43 -13.86 -30.56
N SER B 312 12.06 -13.23 -29.58
CA SER B 312 11.44 -13.01 -28.28
C SER B 312 12.10 -11.83 -27.61
N ILE B 313 11.44 -11.31 -26.57
CA ILE B 313 11.93 -10.16 -25.81
C ILE B 313 11.44 -10.28 -24.37
N THR B 314 12.12 -9.62 -23.44
CA THR B 314 11.77 -9.76 -22.04
C THR B 314 11.50 -8.42 -21.38
N CYS B 315 10.75 -8.46 -20.28
CA CYS B 315 10.41 -7.26 -19.52
C CYS B 315 10.27 -7.59 -18.03
N LYS B 316 10.03 -6.57 -17.21
CA LYS B 316 9.93 -6.75 -15.77
C LYS B 316 8.59 -6.25 -15.24
CL CL C . 10.51 -9.72 19.11
S SO4 D . -1.83 -1.51 20.80
O1 SO4 D . -0.79 -1.27 21.79
O2 SO4 D . -1.44 -2.64 19.97
O3 SO4 D . -3.09 -1.80 21.48
O4 SO4 D . -1.99 -0.35 19.95
S SO4 E . 14.60 12.53 35.33
O1 SO4 E . 13.40 12.50 36.13
O2 SO4 E . 15.76 12.87 36.16
O3 SO4 E . 14.82 11.23 34.71
O4 SO4 E . 14.45 13.55 34.28
S SO4 F . 18.67 -24.47 15.86
O1 SO4 F . 18.18 -23.78 17.05
O2 SO4 F . 20.09 -24.77 16.01
O3 SO4 F . 17.94 -25.71 15.67
O4 SO4 F . 18.49 -23.61 14.69
S SO4 G . 19.77 -21.83 9.73
O1 SO4 G . 21.17 -21.77 10.14
O2 SO4 G . 19.40 -20.57 9.10
O3 SO4 G . 19.59 -22.92 8.77
O4 SO4 G . 18.92 -22.07 10.89
S SO4 H . 29.31 -13.01 11.86
O1 SO4 H . 30.42 -12.70 12.76
O2 SO4 H . 29.39 -14.42 11.46
O3 SO4 H . 28.05 -12.77 12.55
O4 SO4 H . 29.40 -12.17 10.67
S SO4 I . 4.52 -25.09 9.91
O1 SO4 I . 4.04 -23.77 10.33
O2 SO4 I . 5.92 -25.24 10.30
O3 SO4 I . 3.71 -26.12 10.56
O4 SO4 I . 4.39 -25.23 8.46
S SO4 J . 21.14 -7.08 21.94
O1 SO4 J . 21.02 -7.44 23.35
O2 SO4 J . 20.34 -7.99 21.13
O3 SO4 J . 20.68 -5.71 21.74
O4 SO4 J . 22.54 -7.18 21.53
S SO4 K . 17.14 -7.81 37.19
O1 SO4 K . 18.08 -7.49 38.26
O2 SO4 K . 17.14 -9.25 36.95
O3 SO4 K . 15.80 -7.39 37.59
O4 SO4 K . 17.53 -7.12 35.97
S SO4 L . 5.59 -32.52 -8.86
O1 SO4 L . 6.07 -31.22 -8.39
O2 SO4 L . 5.22 -33.34 -7.71
O3 SO4 L . 4.42 -32.33 -9.72
O4 SO4 L . 6.64 -33.19 -9.62
S SO4 M . 7.80 -22.46 34.14
O1 SO4 M . 6.49 -22.42 33.49
O2 SO4 M . 7.65 -22.11 35.54
O3 SO4 M . 8.35 -23.82 34.01
O4 SO4 M . 8.70 -21.52 33.49
S SO4 N . 7.18 22.33 28.44
O1 SO4 N . 7.53 23.32 29.47
O2 SO4 N . 7.18 20.99 29.04
O3 SO4 N . 5.86 22.64 27.91
O4 SO4 N . 8.17 22.38 27.37
S SO4 O . 24.51 -12.77 17.88
O1 SO4 O . 24.85 -11.78 18.88
O2 SO4 O . 23.94 -13.94 18.53
O3 SO4 O . 23.54 -12.21 16.95
O4 SO4 O . 25.71 -13.17 17.14
S SO4 P . -6.62 -5.81 -19.65
O1 SO4 P . -7.35 -5.07 -18.61
O2 SO4 P . -5.31 -6.15 -19.13
O3 SO4 P . -7.36 -7.01 -20.01
O4 SO4 P . -6.48 -4.95 -20.82
S SO4 Q . -26.25 6.03 -6.00
O1 SO4 Q . -26.05 6.20 -4.57
O2 SO4 Q . -24.96 5.86 -6.66
O3 SO4 Q . -27.09 4.86 -6.25
O4 SO4 Q . -26.91 7.21 -6.55
CL CL R . -11.96 7.70 -19.22
S SO4 S . -9.17 17.12 -24.47
O1 SO4 S . -9.94 18.30 -24.85
O2 SO4 S . -9.52 16.74 -23.10
O3 SO4 S . -9.49 16.02 -25.38
O4 SO4 S . -7.75 17.41 -24.55
S SO4 T . 16.15 -2.53 -31.79
O1 SO4 T . 15.96 -1.54 -30.74
O2 SO4 T . 17.43 -3.20 -31.61
O3 SO4 T . 15.08 -3.52 -31.74
O4 SO4 T . 16.12 -1.86 -33.09
S SO4 U . 16.31 0.21 -24.26
O1 SO4 U . 15.17 -0.57 -23.77
O2 SO4 U . 17.40 0.13 -23.29
O3 SO4 U . 16.76 -0.35 -25.54
O4 SO4 U . 15.92 1.61 -24.45
S SO4 V . 7.81 5.70 -39.13
O1 SO4 V . 7.61 5.85 -37.70
O2 SO4 V . 8.05 4.30 -39.46
O3 SO4 V . 6.63 6.17 -39.83
O4 SO4 V . 8.98 6.49 -39.53
S SO4 W . -24.77 18.41 -15.67
O1 SO4 W . -24.32 19.16 -14.49
O2 SO4 W . -23.62 18.08 -16.51
O3 SO4 W . -25.43 17.19 -15.25
O4 SO4 W . -25.71 19.22 -16.43
#